data_8FZC
#
_entry.id   8FZC
#
_cell.length_a   1.00
_cell.length_b   1.00
_cell.length_c   1.00
_cell.angle_alpha   90.00
_cell.angle_beta   90.00
_cell.angle_gamma   90.00
#
_symmetry.space_group_name_H-M   'P 1'
#
_entity_poly.entity_id   1
_entity_poly.type   'polypeptide(L)'
_entity_poly.pdbx_seq_one_letter_code
;SPRTLNAWVKLVEEKKFGAEVVPGFQALSEGCTPYDINQMLNCVGDHQAAMQIIREIINEEAAEWDVQHPIPGPLPAGQL
REPRGSDIAGTTSTVEEQIQWMFRPQNPVPVGNIYRRWIQIGLQKCVRMYNPTNILDIKQGPKEPFQSYVDRFYKSLRAE
QTDPAVKNWMTQTLLVQNANPDCKLVLKGLGMNPTLEEMLTACQGVGGPGQKARLMAEALKEVI
;
_entity_poly.pdbx_strand_id   A,B,C
#
# COMPACT_ATOMS: atom_id res chain seq x y z
N SER A 1 -4.56 12.08 13.72
CA SER A 1 -4.21 10.78 14.25
C SER A 1 -2.93 10.24 13.61
N PRO A 2 -2.12 9.51 14.39
CA PRO A 2 -0.87 8.97 13.84
C PRO A 2 -1.08 8.03 12.67
N ARG A 3 -2.22 7.35 12.59
CA ARG A 3 -2.49 6.46 11.46
C ARG A 3 -2.66 7.24 10.16
N THR A 4 -3.29 8.41 10.21
CA THR A 4 -3.36 9.26 9.02
C THR A 4 -1.96 9.76 8.63
N LEU A 5 -1.12 10.06 9.62
CA LEU A 5 0.26 10.45 9.33
C LEU A 5 1.01 9.30 8.65
N ASN A 6 0.79 8.07 9.10
CA ASN A 6 1.41 6.92 8.45
C ASN A 6 0.89 6.73 7.04
N ALA A 7 -0.41 6.98 6.82
CA ALA A 7 -0.95 6.90 5.47
C ALA A 7 -0.30 7.94 4.56
N TRP A 8 -0.13 9.15 5.06
CA TRP A 8 0.58 10.16 4.28
C TRP A 8 2.05 9.79 4.08
N VAL A 9 2.66 9.11 5.05
CA VAL A 9 4.03 8.66 4.87
C VAL A 9 4.11 7.69 3.70
N LYS A 10 3.28 6.66 3.73
CA LYS A 10 3.31 5.67 2.65
C LYS A 10 2.95 6.30 1.31
N LEU A 11 2.11 7.34 1.32
CA LEU A 11 1.87 8.10 0.09
C LEU A 11 3.14 8.79 -0.38
N VAL A 12 3.92 9.34 0.55
CA VAL A 12 5.10 10.11 0.18
C VAL A 12 6.17 9.22 -0.43
N GLU A 13 6.48 8.09 0.23
CA GLU A 13 7.53 7.23 -0.35
C GLU A 13 7.01 6.33 -1.46
N GLU A 14 5.83 5.71 -1.30
CA GLU A 14 5.33 4.82 -2.34
C GLU A 14 5.08 5.57 -3.65
N LYS A 15 4.52 6.77 -3.56
CA LYS A 15 4.26 7.61 -4.72
C LYS A 15 5.29 8.73 -4.72
N LYS A 16 6.19 8.70 -5.69
CA LYS A 16 7.34 9.60 -5.74
C LYS A 16 6.90 10.99 -6.21
N PHE A 17 6.14 11.66 -5.33
CA PHE A 17 5.72 13.04 -5.54
C PHE A 17 5.03 13.23 -6.89
N GLY A 18 3.98 12.43 -7.11
CA GLY A 18 3.20 12.54 -8.32
C GLY A 18 2.18 13.67 -8.24
N ALA A 19 1.36 13.75 -9.28
CA ALA A 19 0.31 14.77 -9.32
C ALA A 19 -0.75 14.56 -8.26
N GLU A 20 -0.86 13.35 -7.71
CA GLU A 20 -1.84 13.03 -6.69
C GLU A 20 -1.46 13.55 -5.31
N VAL A 21 -0.19 13.90 -5.08
CA VAL A 21 0.22 14.25 -3.74
C VAL A 21 -0.37 15.59 -3.31
N VAL A 22 -0.58 16.52 -4.24
CA VAL A 22 -1.16 17.81 -3.89
C VAL A 22 -2.61 17.66 -3.41
N PRO A 23 -3.50 17.02 -4.18
CA PRO A 23 -4.85 16.78 -3.64
C PRO A 23 -4.84 15.87 -2.43
N GLY A 24 -3.90 14.92 -2.34
CA GLY A 24 -3.82 14.09 -1.15
C GLY A 24 -3.50 14.90 0.09
N PHE A 25 -2.55 15.82 -0.01
CA PHE A 25 -2.23 16.70 1.11
C PHE A 25 -3.41 17.59 1.45
N GLN A 26 -4.08 18.14 0.43
CA GLN A 26 -5.26 18.96 0.72
C GLN A 26 -6.34 18.15 1.43
N ALA A 27 -6.44 16.86 1.11
CA ALA A 27 -7.42 16.00 1.76
C ALA A 27 -7.04 15.69 3.20
N LEU A 28 -5.77 15.33 3.44
CA LEU A 28 -5.35 14.96 4.78
C LEU A 28 -5.30 16.16 5.72
N SER A 29 -4.95 17.34 5.20
CA SER A 29 -4.73 18.51 6.04
C SER A 29 -6.02 19.24 6.40
N GLU A 30 -7.17 18.77 5.92
CA GLU A 30 -8.42 19.43 6.25
C GLU A 30 -8.71 19.32 7.75
N GLY A 31 -9.12 20.44 8.33
CA GLY A 31 -9.38 20.48 9.76
C GLY A 31 -8.17 20.21 10.62
N CYS A 32 -7.00 20.67 10.19
CA CYS A 32 -5.74 20.42 10.89
C CYS A 32 -5.10 21.74 11.27
N THR A 33 -4.72 21.88 12.54
CA THR A 33 -4.02 23.06 13.00
C THR A 33 -2.61 23.09 12.39
N PRO A 34 -2.01 24.28 12.25
CA PRO A 34 -0.64 24.34 11.74
C PRO A 34 0.35 23.54 12.55
N TYR A 35 0.06 23.29 13.83
CA TYR A 35 0.86 22.38 14.62
C TYR A 35 0.87 20.97 14.02
N ASP A 36 -0.32 20.45 13.68
CA ASP A 36 -0.42 19.15 13.05
C ASP A 36 0.25 19.14 11.68
N ILE A 37 0.14 20.25 10.95
CA ILE A 37 0.80 20.35 9.65
C ILE A 37 2.32 20.31 9.83
N ASN A 38 2.82 20.91 10.91
CA ASN A 38 4.25 20.81 11.22
C ASN A 38 4.66 19.38 11.53
N GLN A 39 3.83 18.66 12.29
CA GLN A 39 4.14 17.25 12.54
C GLN A 39 4.15 16.45 11.25
N MET A 40 3.23 16.76 10.33
CA MET A 40 3.24 16.12 9.02
C MET A 40 4.54 16.46 8.27
N LEU A 41 4.93 17.73 8.33
CA LEU A 41 6.16 18.18 7.68
C LEU A 41 7.38 17.46 8.23
N ASN A 42 7.33 17.08 9.51
CA ASN A 42 8.47 16.40 10.13
C ASN A 42 8.82 15.11 9.40
N CYS A 43 7.81 14.34 9.00
CA CYS A 43 8.08 13.07 8.31
C CYS A 43 8.47 13.30 6.85
N VAL A 44 7.88 14.29 6.19
CA VAL A 44 8.16 14.53 4.79
C VAL A 44 9.44 15.33 4.56
N GLY A 45 10.06 15.83 5.63
CA GLY A 45 11.31 16.54 5.48
C GLY A 45 12.50 15.68 5.10
N ASP A 46 12.27 14.37 5.01
CA ASP A 46 13.35 13.44 4.66
C ASP A 46 13.90 13.74 3.27
N HIS A 47 13.03 14.00 2.30
CA HIS A 47 13.46 14.32 0.94
C HIS A 47 14.08 15.72 0.94
N GLN A 48 15.40 15.78 0.76
CA GLN A 48 16.13 17.03 0.95
C GLN A 48 15.70 18.10 -0.04
N ALA A 49 15.56 17.74 -1.32
CA ALA A 49 15.15 18.72 -2.32
C ALA A 49 13.74 19.24 -2.04
N ALA A 50 12.81 18.32 -1.77
CA ALA A 50 11.47 18.73 -1.40
C ALA A 50 11.48 19.54 -0.11
N MET A 51 12.33 19.16 0.84
CA MET A 51 12.41 19.88 2.10
C MET A 51 12.83 21.33 1.88
N GLN A 52 13.90 21.54 1.09
CA GLN A 52 14.34 22.91 0.86
C GLN A 52 13.34 23.70 0.03
N ILE A 53 12.67 23.05 -0.93
CA ILE A 53 11.67 23.75 -1.73
C ILE A 53 10.52 24.22 -0.84
N ILE A 54 10.02 23.33 0.03
CA ILE A 54 8.91 23.74 0.89
C ILE A 54 9.38 24.77 1.90
N ARG A 55 10.63 24.68 2.38
CA ARG A 55 11.14 25.68 3.30
C ARG A 55 11.15 27.06 2.66
N GLU A 56 11.71 27.16 1.44
CA GLU A 56 11.79 28.46 0.79
C GLU A 56 10.40 29.00 0.42
N ILE A 57 9.50 28.10 -0.01
CA ILE A 57 8.17 28.57 -0.39
C ILE A 57 7.41 29.05 0.85
N ILE A 58 7.56 28.34 1.98
CA ILE A 58 6.92 28.79 3.21
C ILE A 58 7.53 30.10 3.68
N ASN A 59 8.85 30.25 3.54
CA ASN A 59 9.50 31.50 3.94
C ASN A 59 8.97 32.68 3.13
N GLU A 60 8.85 32.51 1.81
CA GLU A 60 8.37 33.63 1.00
C GLU A 60 6.87 33.89 1.25
N GLU A 61 6.08 32.84 1.47
CA GLU A 61 4.68 33.04 1.82
C GLU A 61 4.55 33.82 3.12
N ALA A 62 5.35 33.45 4.12
CA ALA A 62 5.30 34.14 5.42
C ALA A 62 5.78 35.57 5.28
N ALA A 63 6.80 35.81 4.47
CA ALA A 63 7.29 37.18 4.27
C ALA A 63 6.22 38.05 3.64
N GLU A 64 5.54 37.53 2.61
CA GLU A 64 4.50 38.34 1.97
C GLU A 64 3.31 38.52 2.89
N TRP A 65 2.98 37.51 3.71
CA TRP A 65 1.91 37.67 4.68
C TRP A 65 2.25 38.76 5.69
N ASP A 66 3.50 38.80 6.15
CA ASP A 66 3.93 39.85 7.06
C ASP A 66 3.89 41.22 6.38
N VAL A 67 4.21 41.26 5.08
CA VAL A 67 4.08 42.52 4.35
C VAL A 67 2.63 42.97 4.30
N GLN A 68 1.71 42.06 4.01
CA GLN A 68 0.29 42.39 4.00
C GLN A 68 -0.23 42.74 5.39
N HIS A 69 0.25 42.07 6.42
CA HIS A 69 -0.22 42.29 7.79
C HIS A 69 0.96 42.56 8.71
N PRO A 70 1.57 43.75 8.62
CA PRO A 70 2.68 44.08 9.49
C PRO A 70 2.19 44.59 10.84
N ILE A 71 3.15 44.89 11.71
CA ILE A 71 2.82 45.43 13.03
C ILE A 71 3.42 46.83 13.16
N PRO A 72 2.66 47.89 12.87
CA PRO A 72 3.19 49.24 13.06
C PRO A 72 3.07 49.76 14.48
N GLY A 73 2.44 48.98 15.37
CA GLY A 73 2.29 49.37 16.74
C GLY A 73 2.12 48.16 17.65
N PRO A 74 2.84 48.15 18.78
CA PRO A 74 2.78 47.00 19.68
C PRO A 74 1.37 46.74 20.21
N LEU A 75 1.02 45.47 20.30
CA LEU A 75 -0.28 45.09 20.85
C LEU A 75 -0.29 45.33 22.35
N PRO A 76 -1.43 45.71 22.94
CA PRO A 76 -1.52 45.77 24.40
C PRO A 76 -1.22 44.42 25.02
N ALA A 77 -0.54 44.46 26.16
CA ALA A 77 -0.09 43.24 26.82
C ALA A 77 -1.28 42.42 27.33
N GLY A 78 -1.09 41.10 27.38
CA GLY A 78 -2.13 40.21 27.88
C GLY A 78 -3.09 39.71 26.82
N GLN A 79 -2.93 40.14 25.58
CA GLN A 79 -3.81 39.72 24.51
C GLN A 79 -3.04 38.94 23.45
N LEU A 80 -3.76 38.06 22.76
CA LEU A 80 -3.13 37.24 21.72
C LEU A 80 -2.77 38.10 20.52
N ARG A 81 -1.54 37.95 20.05
CA ARG A 81 -1.07 38.71 18.90
C ARG A 81 -1.76 38.25 17.62
N GLU A 82 -1.79 39.14 16.63
CA GLU A 82 -2.27 38.74 15.32
C GLU A 82 -1.31 37.73 14.70
N PRO A 83 -1.83 36.71 14.00
CA PRO A 83 -0.95 35.66 13.48
C PRO A 83 -0.01 36.15 12.37
N ARG A 84 1.29 36.10 12.64
CA ARG A 84 2.27 36.43 11.63
C ARG A 84 2.41 35.28 10.64
N GLY A 85 3.24 35.51 9.61
CA GLY A 85 3.52 34.44 8.66
C GLY A 85 4.20 33.25 9.32
N SER A 86 5.16 33.52 10.19
CA SER A 86 5.77 32.45 10.96
C SER A 86 4.77 31.79 11.91
N ASP A 87 3.82 32.57 12.43
CA ASP A 87 2.76 32.00 13.25
C ASP A 87 1.88 31.05 12.43
N ILE A 88 1.59 31.42 11.18
CA ILE A 88 0.87 30.51 10.29
C ILE A 88 1.70 29.27 10.04
N ALA A 89 3.01 29.43 9.85
CA ALA A 89 3.90 28.28 9.68
C ALA A 89 3.95 27.41 10.93
N GLY A 90 3.56 27.94 12.09
CA GLY A 90 3.54 27.18 13.32
C GLY A 90 4.85 27.17 14.08
N THR A 91 5.92 27.73 13.53
CA THR A 91 7.20 27.74 14.21
C THR A 91 7.17 28.67 15.43
N THR A 92 6.65 29.88 15.25
CA THR A 92 6.59 30.87 16.31
C THR A 92 5.26 30.88 17.04
N SER A 93 4.31 30.02 16.64
CA SER A 93 3.00 29.95 17.26
C SER A 93 2.78 28.58 17.85
N THR A 94 2.34 28.54 19.11
CA THR A 94 2.04 27.28 19.76
C THR A 94 0.67 26.77 19.30
N VAL A 95 0.37 25.53 19.68
CA VAL A 95 -0.90 24.92 19.30
C VAL A 95 -2.06 25.66 19.95
N GLU A 96 -1.89 26.14 21.18
CA GLU A 96 -2.98 26.86 21.85
C GLU A 96 -3.27 28.17 21.15
N GLU A 97 -2.24 28.88 20.68
CA GLU A 97 -2.48 30.12 19.93
C GLU A 97 -3.25 29.84 18.65
N GLN A 98 -2.87 28.77 17.93
CA GLN A 98 -3.56 28.43 16.70
C GLN A 98 -5.02 28.05 16.95
N ILE A 99 -5.27 27.26 18.01
CA ILE A 99 -6.65 26.87 18.30
C ILE A 99 -7.46 28.07 18.77
N GLN A 100 -6.84 29.01 19.48
CA GLN A 100 -7.54 30.24 19.85
C GLN A 100 -7.88 31.07 18.62
N TRP A 101 -6.96 31.17 17.67
CA TRP A 101 -7.25 31.86 16.42
C TRP A 101 -8.38 31.16 15.67
N MET A 102 -8.41 29.83 15.71
CA MET A 102 -9.52 29.09 15.10
C MET A 102 -10.84 29.42 15.78
N PHE A 103 -10.84 29.49 17.12
CA PHE A 103 -12.08 29.55 17.88
C PHE A 103 -12.40 30.94 18.42
N ARG A 104 -11.62 31.95 18.07
CA ARG A 104 -11.91 33.29 18.59
C ARG A 104 -13.13 33.86 17.87
N PRO A 105 -14.13 34.37 18.61
CA PRO A 105 -15.32 34.91 17.95
C PRO A 105 -15.05 36.10 17.04
N GLN A 106 -14.06 36.92 17.37
CA GLN A 106 -13.82 38.17 16.65
C GLN A 106 -12.87 37.91 15.49
N ASN A 107 -13.44 37.74 14.29
CA ASN A 107 -12.71 37.58 13.03
C ASN A 107 -11.63 36.52 13.12
N PRO A 108 -11.98 35.24 13.22
CA PRO A 108 -10.95 34.20 13.20
C PRO A 108 -10.22 34.18 11.88
N VAL A 109 -8.92 33.91 11.94
CA VAL A 109 -8.07 33.83 10.75
C VAL A 109 -7.75 32.36 10.52
N PRO A 110 -8.23 31.74 9.43
CA PRO A 110 -7.92 30.33 9.20
C PRO A 110 -6.46 30.12 8.81
N VAL A 111 -5.56 30.27 9.77
CA VAL A 111 -4.13 30.15 9.50
C VAL A 111 -3.79 28.73 9.08
N GLY A 112 -4.55 27.73 9.56
CA GLY A 112 -4.30 26.37 9.14
C GLY A 112 -4.47 26.19 7.65
N ASN A 113 -5.56 26.72 7.08
CA ASN A 113 -5.78 26.62 5.65
C ASN A 113 -4.75 27.44 4.87
N ILE A 114 -4.30 28.57 5.42
CA ILE A 114 -3.28 29.36 4.75
C ILE A 114 -1.97 28.58 4.65
N TYR A 115 -1.57 27.95 5.75
CA TYR A 115 -0.37 27.11 5.72
C TYR A 115 -0.57 25.90 4.82
N ARG A 116 -1.80 25.38 4.75
CA ARG A 116 -2.10 24.31 3.81
C ARG A 116 -1.88 24.76 2.37
N ARG A 117 -2.33 25.97 2.04
CA ARG A 117 -2.10 26.51 0.69
C ARG A 117 -0.61 26.69 0.44
N TRP A 118 0.13 27.15 1.45
CA TRP A 118 1.57 27.32 1.30
C TRP A 118 2.26 25.99 0.96
N ILE A 119 1.99 24.96 1.77
CA ILE A 119 2.61 23.66 1.52
C ILE A 119 2.07 23.04 0.24
N GLN A 120 0.84 23.36 -0.15
CA GLN A 120 0.31 22.90 -1.42
C GLN A 120 1.10 23.48 -2.58
N ILE A 121 1.40 24.77 -2.53
CA ILE A 121 2.23 25.39 -3.58
C ILE A 121 3.62 24.77 -3.57
N GLY A 122 4.17 24.51 -2.39
CA GLY A 122 5.47 23.87 -2.31
C GLY A 122 5.48 22.48 -2.93
N LEU A 123 4.45 21.69 -2.65
CA LEU A 123 4.35 20.35 -3.24
C LEU A 123 4.13 20.43 -4.75
N GLN A 124 3.36 21.42 -5.20
CA GLN A 124 3.23 21.67 -6.62
C GLN A 124 4.59 21.89 -7.27
N LYS A 125 5.40 22.78 -6.69
CA LYS A 125 6.72 23.05 -7.25
C LYS A 125 7.58 21.79 -7.22
N CYS A 126 7.52 21.03 -6.13
CA CYS A 126 8.29 19.79 -6.03
C CYS A 126 7.91 18.83 -7.14
N VAL A 127 6.62 18.65 -7.37
CA VAL A 127 6.15 17.76 -8.44
C VAL A 127 6.63 18.27 -9.79
N ARG A 128 6.55 19.58 -10.01
CA ARG A 128 6.97 20.14 -11.29
C ARG A 128 8.47 19.98 -11.52
N MET A 129 9.27 19.87 -10.45
CA MET A 129 10.70 19.71 -10.61
C MET A 129 11.21 18.29 -10.38
N TYR A 130 10.43 17.43 -9.72
CA TYR A 130 10.97 16.15 -9.27
C TYR A 130 11.17 15.21 -10.44
N ASN A 131 12.38 14.65 -10.52
CA ASN A 131 12.71 13.68 -11.55
C ASN A 131 12.03 12.34 -11.27
N PRO A 132 11.81 11.50 -12.30
CA PRO A 132 11.07 10.25 -12.10
C PRO A 132 11.62 9.37 -10.99
N THR A 133 12.89 8.98 -11.09
CA THR A 133 13.50 8.11 -10.10
C THR A 133 15.02 8.24 -10.21
N ASN A 134 15.74 7.40 -9.47
CA ASN A 134 17.19 7.36 -9.55
C ASN A 134 17.79 5.96 -9.62
N ILE A 135 17.10 4.93 -9.14
CA ILE A 135 17.70 3.59 -9.10
C ILE A 135 17.91 3.04 -10.51
N LEU A 136 16.94 3.23 -11.40
CA LEU A 136 17.12 2.84 -12.79
C LEU A 136 17.94 3.86 -13.58
N ASP A 137 18.05 5.09 -13.08
CA ASP A 137 18.82 6.12 -13.77
C ASP A 137 20.30 6.08 -13.42
N ILE A 138 20.72 5.21 -12.51
CA ILE A 138 22.14 5.04 -12.23
C ILE A 138 22.76 4.29 -13.39
N LYS A 139 23.47 5.01 -14.26
CA LYS A 139 24.08 4.44 -15.45
C LYS A 139 25.56 4.82 -15.46
N GLN A 140 26.41 3.83 -15.65
CA GLN A 140 27.85 4.09 -15.67
C GLN A 140 28.22 4.99 -16.85
N GLY A 141 29.16 5.90 -16.62
CA GLY A 141 29.69 6.72 -17.67
C GLY A 141 30.87 6.06 -18.34
N PRO A 142 31.12 6.41 -19.61
CA PRO A 142 32.28 5.84 -20.30
C PRO A 142 33.60 6.17 -19.62
N LYS A 143 33.73 7.36 -19.04
CA LYS A 143 34.93 7.73 -18.31
C LYS A 143 34.81 7.50 -16.81
N GLU A 144 33.61 7.26 -16.31
CA GLU A 144 33.41 7.09 -14.88
C GLU A 144 34.08 5.81 -14.40
N PRO A 145 34.90 5.88 -13.34
CA PRO A 145 35.47 4.65 -12.78
C PRO A 145 34.37 3.73 -12.29
N PHE A 146 34.59 2.42 -12.48
CA PHE A 146 33.55 1.45 -12.14
C PHE A 146 33.29 1.39 -10.64
N GLN A 147 34.32 1.61 -9.83
CA GLN A 147 34.14 1.57 -8.38
C GLN A 147 33.21 2.68 -7.91
N SER A 148 33.35 3.89 -8.47
CA SER A 148 32.46 4.98 -8.11
C SER A 148 31.03 4.69 -8.54
N TYR A 149 30.86 4.10 -9.73
CA TYR A 149 29.53 3.70 -10.19
C TYR A 149 28.90 2.68 -9.25
N VAL A 150 29.69 1.70 -8.81
CA VAL A 150 29.18 0.71 -7.87
C VAL A 150 28.80 1.37 -6.55
N ASP A 151 29.63 2.30 -6.07
CA ASP A 151 29.35 2.96 -4.81
C ASP A 151 28.05 3.77 -4.88
N ARG A 152 27.88 4.53 -5.96
CA ARG A 152 26.66 5.34 -6.07
C ARG A 152 25.43 4.47 -6.31
N PHE A 153 25.58 3.35 -7.03
CA PHE A 153 24.46 2.42 -7.16
C PHE A 153 24.08 1.83 -5.81
N TYR A 154 25.08 1.48 -5.00
CA TYR A 154 24.81 0.97 -3.66
C TYR A 154 24.11 2.00 -2.81
N LYS A 155 24.54 3.26 -2.88
CA LYS A 155 23.86 4.31 -2.13
C LYS A 155 22.43 4.50 -2.61
N SER A 156 22.21 4.45 -3.92
CA SER A 156 20.86 4.61 -4.46
C SER A 156 19.95 3.48 -4.00
N LEU A 157 20.45 2.25 -4.03
CA LEU A 157 19.62 1.12 -3.59
C LEU A 157 19.41 1.15 -2.08
N ARG A 158 20.40 1.61 -1.31
CA ARG A 158 20.24 1.69 0.14
C ARG A 158 19.26 2.79 0.53
N ALA A 159 19.16 3.85 -0.28
CA ALA A 159 18.19 4.90 0.01
C ALA A 159 16.77 4.39 -0.04
N GLU A 160 16.50 3.38 -0.87
CA GLU A 160 15.20 2.76 -1.00
C GLU A 160 15.32 1.25 -0.96
N GLN A 161 16.03 0.74 0.05
CA GLN A 161 16.26 -0.69 0.15
C GLN A 161 14.95 -1.45 0.35
N THR A 162 14.90 -2.65 -0.22
CA THR A 162 13.67 -3.44 -0.27
C THR A 162 13.75 -4.69 0.58
N ASP A 163 14.75 -5.55 0.35
CA ASP A 163 14.90 -6.79 1.07
C ASP A 163 16.34 -7.25 0.92
N PRO A 164 16.94 -7.83 1.96
CA PRO A 164 18.33 -8.30 1.82
C PRO A 164 18.52 -9.27 0.67
N ALA A 165 17.56 -10.16 0.43
CA ALA A 165 17.67 -11.09 -0.68
C ALA A 165 17.44 -10.39 -2.02
N VAL A 166 16.53 -9.42 -2.06
CA VAL A 166 16.24 -8.73 -3.31
C VAL A 166 17.43 -7.88 -3.75
N LYS A 167 18.07 -7.18 -2.81
CA LYS A 167 19.21 -6.34 -3.17
C LYS A 167 20.41 -7.15 -3.62
N ASN A 168 20.55 -8.38 -3.16
CA ASN A 168 21.60 -9.24 -3.71
C ASN A 168 21.40 -9.47 -5.19
N TRP A 169 20.16 -9.78 -5.60
CA TRP A 169 19.82 -9.92 -7.00
C TRP A 169 19.94 -8.60 -7.77
N MET A 170 19.60 -7.48 -7.13
CA MET A 170 19.84 -6.17 -7.71
C MET A 170 21.30 -5.96 -8.08
N THR A 171 22.20 -6.19 -7.12
CA THR A 171 23.62 -6.07 -7.38
C THR A 171 24.11 -7.10 -8.40
N GLN A 172 23.51 -8.29 -8.40
CA GLN A 172 23.87 -9.33 -9.36
C GLN A 172 23.53 -8.96 -10.80
N THR A 173 22.39 -8.32 -11.03
CA THR A 173 21.91 -8.10 -12.39
C THR A 173 22.01 -6.64 -12.84
N LEU A 174 21.41 -5.71 -12.09
CA LEU A 174 21.37 -4.32 -12.56
C LEU A 174 22.74 -3.68 -12.65
N LEU A 175 23.70 -4.11 -11.83
CA LEU A 175 25.04 -3.54 -11.90
C LEU A 175 25.69 -3.80 -13.24
N VAL A 176 25.56 -5.02 -13.76
CA VAL A 176 26.10 -5.31 -15.09
C VAL A 176 25.17 -4.80 -16.19
N GLN A 177 23.87 -4.68 -15.90
CA GLN A 177 22.94 -4.16 -16.91
C GLN A 177 23.25 -2.71 -17.26
N ASN A 178 23.57 -1.90 -16.26
CA ASN A 178 23.89 -0.49 -16.47
C ASN A 178 25.38 -0.24 -16.67
N ALA A 179 26.19 -1.29 -16.71
CA ALA A 179 27.62 -1.14 -16.86
C ALA A 179 27.99 -0.88 -18.31
N ASN A 180 29.00 -0.04 -18.51
CA ASN A 180 29.50 0.23 -19.86
C ASN A 180 30.20 -1.01 -20.43
N PRO A 181 30.22 -1.15 -21.75
CA PRO A 181 30.64 -2.44 -22.35
C PRO A 181 32.04 -2.90 -21.96
N ASP A 182 33.00 -1.98 -21.82
CA ASP A 182 34.35 -2.40 -21.48
C ASP A 182 34.40 -3.06 -20.11
N CYS A 183 33.67 -2.52 -19.13
CA CYS A 183 33.54 -3.20 -17.85
C CYS A 183 32.58 -4.37 -17.95
N LYS A 184 31.57 -4.27 -18.82
CA LYS A 184 30.56 -5.31 -18.93
C LYS A 184 31.17 -6.64 -19.40
N LEU A 185 32.15 -6.58 -20.31
CA LEU A 185 32.73 -7.81 -20.82
C LEU A 185 33.51 -8.55 -19.74
N VAL A 186 34.30 -7.84 -18.94
CA VAL A 186 35.00 -8.51 -17.85
C VAL A 186 34.03 -8.95 -16.76
N LEU A 187 32.91 -8.23 -16.60
CA LEU A 187 31.90 -8.67 -15.65
C LEU A 187 31.27 -10.00 -16.08
N LYS A 188 30.95 -10.13 -17.37
CA LYS A 188 30.34 -11.36 -17.86
C LYS A 188 31.36 -12.46 -18.14
N GLY A 189 32.65 -12.14 -18.10
CA GLY A 189 33.66 -13.14 -18.41
C GLY A 189 33.89 -14.19 -17.35
N LEU A 190 33.33 -14.03 -16.15
CA LEU A 190 33.54 -15.00 -15.09
C LEU A 190 32.41 -16.03 -15.04
N GLY A 191 31.19 -15.58 -14.80
CA GLY A 191 30.07 -16.51 -14.78
C GLY A 191 28.97 -16.22 -13.77
N MET A 192 28.44 -17.29 -13.17
CA MET A 192 27.23 -17.21 -12.37
C MET A 192 27.54 -16.82 -10.93
N ASN A 193 26.60 -16.07 -10.33
CA ASN A 193 26.66 -15.54 -8.96
C ASN A 193 28.00 -14.89 -8.63
N PRO A 194 28.31 -13.74 -9.22
CA PRO A 194 29.51 -13.01 -8.79
C PRO A 194 29.35 -12.45 -7.38
N THR A 195 30.48 -12.24 -6.72
CA THR A 195 30.50 -11.59 -5.42
C THR A 195 31.35 -10.32 -5.51
N LEU A 196 31.08 -9.39 -4.60
CA LEU A 196 31.53 -8.01 -4.76
C LEU A 196 33.06 -7.91 -4.83
N GLU A 197 33.76 -8.62 -3.93
CA GLU A 197 35.20 -8.45 -3.84
C GLU A 197 35.91 -8.94 -5.10
N GLU A 198 35.53 -10.12 -5.59
CA GLU A 198 36.22 -10.67 -6.75
C GLU A 198 35.88 -9.90 -8.02
N MET A 199 34.64 -9.48 -8.18
CA MET A 199 34.28 -8.69 -9.36
C MET A 199 34.99 -7.33 -9.33
N LEU A 200 35.11 -6.74 -8.14
CA LEU A 200 35.83 -5.48 -8.01
C LEU A 200 37.30 -5.65 -8.37
N THR A 201 37.94 -6.71 -7.86
CA THR A 201 39.36 -6.90 -8.14
C THR A 201 39.61 -7.37 -9.55
N ALA A 202 38.59 -7.92 -10.23
CA ALA A 202 38.76 -8.32 -11.62
C ALA A 202 38.51 -7.16 -12.58
N CYS A 203 37.55 -6.30 -12.26
CA CYS A 203 37.23 -5.16 -13.11
C CYS A 203 38.15 -3.97 -12.86
N GLN A 204 39.05 -4.05 -11.87
CA GLN A 204 39.90 -2.92 -11.56
C GLN A 204 41.12 -2.89 -12.48
N GLY A 205 40.87 -3.02 -13.78
CA GLY A 205 41.88 -2.75 -14.77
C GLY A 205 41.30 -2.10 -16.01
N VAL A 206 39.98 -1.91 -16.01
CA VAL A 206 39.31 -1.39 -17.19
C VAL A 206 39.66 0.07 -17.37
N GLY A 207 40.14 0.42 -18.57
CA GLY A 207 40.66 1.74 -18.82
C GLY A 207 42.12 1.91 -18.44
N GLY A 208 42.69 0.98 -17.70
CA GLY A 208 44.09 1.05 -17.31
C GLY A 208 44.99 0.68 -18.47
N PRO A 209 46.28 0.99 -18.29
CA PRO A 209 47.23 0.78 -19.40
C PRO A 209 47.27 -0.64 -19.93
N GLY A 210 47.13 -1.63 -19.05
CA GLY A 210 47.11 -3.01 -19.52
C GLY A 210 45.93 -3.29 -20.44
N GLN A 211 44.74 -2.86 -20.04
CA GLN A 211 43.57 -3.06 -20.89
C GLN A 211 43.60 -2.18 -22.13
N LYS A 212 44.14 -0.96 -22.01
CA LYS A 212 44.35 -0.13 -23.21
C LYS A 212 45.20 -0.88 -24.23
N ALA A 213 46.34 -1.40 -23.79
CA ALA A 213 47.23 -2.13 -24.69
C ALA A 213 46.54 -3.38 -25.24
N ARG A 214 45.81 -4.09 -24.39
CA ARG A 214 45.13 -5.30 -24.85
C ARG A 214 44.10 -4.99 -25.93
N LEU A 215 43.29 -3.94 -25.71
CA LEU A 215 42.23 -3.63 -26.66
C LEU A 215 42.82 -3.12 -27.98
N MET A 216 43.83 -2.25 -27.91
CA MET A 216 44.44 -1.79 -29.16
C MET A 216 45.13 -2.92 -29.89
N ALA A 217 45.77 -3.84 -29.14
CA ALA A 217 46.43 -4.99 -29.76
C ALA A 217 45.43 -5.87 -30.48
N GLU A 218 44.32 -6.22 -29.82
CA GLU A 218 43.33 -7.06 -30.48
C GLU A 218 42.69 -6.34 -31.66
N ALA A 219 42.43 -5.04 -31.54
CA ALA A 219 41.86 -4.28 -32.65
C ALA A 219 42.78 -4.32 -33.85
N LEU A 220 44.09 -4.12 -33.64
CA LEU A 220 45.05 -4.28 -34.72
C LEU A 220 45.07 -5.71 -35.22
N LYS A 221 44.79 -6.68 -34.36
CA LYS A 221 44.77 -8.08 -34.79
C LYS A 221 43.68 -8.32 -35.82
N GLU A 222 42.46 -7.81 -35.57
CA GLU A 222 41.50 -7.95 -36.66
C GLU A 222 41.74 -6.98 -37.80
N VAL A 223 42.48 -5.89 -37.56
CA VAL A 223 42.86 -5.01 -38.67
C VAL A 223 43.86 -5.70 -39.58
N ILE A 224 44.88 -6.33 -39.00
CA ILE A 224 45.91 -6.99 -39.78
C ILE A 224 45.38 -8.30 -40.36
N SER B 1 -26.85 17.56 -3.00
CA SER B 1 -27.82 17.45 -4.09
C SER B 1 -27.70 16.10 -4.78
N PRO B 2 -28.82 15.55 -5.25
CA PRO B 2 -28.78 14.25 -5.94
C PRO B 2 -27.94 14.25 -7.20
N ARG B 3 -27.79 15.39 -7.86
CA ARG B 3 -26.95 15.46 -9.06
C ARG B 3 -25.48 15.26 -8.72
N THR B 4 -25.02 15.80 -7.60
CA THR B 4 -23.65 15.51 -7.15
C THR B 4 -23.49 14.05 -6.79
N LEU B 5 -24.51 13.43 -6.20
CA LEU B 5 -24.47 12.00 -5.93
C LEU B 5 -24.36 11.21 -7.22
N ASN B 6 -25.09 11.61 -8.26
CA ASN B 6 -24.99 10.95 -9.55
C ASN B 6 -23.61 11.14 -10.17
N ALA B 7 -23.03 12.32 -10.00
CA ALA B 7 -21.66 12.55 -10.49
C ALA B 7 -20.68 11.63 -9.79
N TRP B 8 -20.81 11.48 -8.47
CA TRP B 8 -19.96 10.53 -7.76
C TRP B 8 -20.26 9.09 -8.17
N VAL B 9 -21.50 8.78 -8.51
CA VAL B 9 -21.80 7.43 -9.00
C VAL B 9 -21.04 7.16 -10.28
N LYS B 10 -21.16 8.06 -11.27
CA LYS B 10 -20.48 7.85 -12.54
C LYS B 10 -18.97 7.84 -12.34
N LEU B 11 -18.45 8.58 -11.36
CA LEU B 11 -17.04 8.47 -11.03
C LEU B 11 -16.70 7.08 -10.51
N VAL B 12 -17.59 6.50 -9.70
CA VAL B 12 -17.30 5.21 -9.08
C VAL B 12 -17.28 4.10 -10.12
N GLU B 13 -18.30 4.03 -10.99
CA GLU B 13 -18.27 2.95 -11.97
C GLU B 13 -17.40 3.27 -13.18
N GLU B 14 -17.44 4.49 -13.72
CA GLU B 14 -16.62 4.79 -14.90
C GLU B 14 -15.14 4.67 -14.58
N LYS B 15 -14.71 5.16 -13.42
CA LYS B 15 -13.33 5.08 -12.98
C LYS B 15 -13.25 4.00 -11.92
N LYS B 16 -12.58 2.89 -12.24
CA LYS B 16 -12.55 1.70 -11.39
C LYS B 16 -11.59 1.92 -10.22
N PHE B 17 -12.01 2.79 -9.31
CA PHE B 17 -11.30 3.05 -8.06
C PHE B 17 -9.83 3.40 -8.31
N GLY B 18 -9.61 4.42 -9.12
CA GLY B 18 -8.27 4.90 -9.40
C GLY B 18 -7.77 5.82 -8.31
N ALA B 19 -6.57 6.37 -8.54
CA ALA B 19 -5.98 7.29 -7.58
C ALA B 19 -6.77 8.59 -7.46
N GLU B 20 -7.61 8.91 -8.44
CA GLU B 20 -8.39 10.13 -8.43
C GLU B 20 -9.61 10.04 -7.51
N VAL B 21 -10.02 8.84 -7.11
CA VAL B 21 -11.26 8.71 -6.35
C VAL B 21 -11.11 9.29 -4.95
N VAL B 22 -9.92 9.21 -4.35
CA VAL B 22 -9.71 9.75 -3.01
C VAL B 22 -9.85 11.28 -3.02
N PRO B 23 -9.11 12.01 -3.86
CA PRO B 23 -9.36 13.47 -3.92
C PRO B 23 -10.75 13.81 -4.41
N GLY B 24 -11.34 13.00 -5.29
CA GLY B 24 -12.71 13.25 -5.70
C GLY B 24 -13.69 13.17 -4.55
N PHE B 25 -13.55 12.14 -3.71
CA PHE B 25 -14.39 12.03 -2.52
C PHE B 25 -14.16 13.19 -1.57
N GLN B 26 -12.89 13.57 -1.37
CA GLN B 26 -12.62 14.70 -0.49
C GLN B 26 -13.26 15.98 -1.04
N ALA B 27 -13.32 16.11 -2.37
CA ALA B 27 -13.93 17.27 -2.98
C ALA B 27 -15.45 17.26 -2.83
N LEU B 28 -16.09 16.11 -3.10
CA LEU B 28 -17.54 16.04 -3.04
C LEU B 28 -18.06 16.12 -1.61
N SER B 29 -17.32 15.57 -0.65
CA SER B 29 -17.79 15.46 0.72
C SER B 29 -17.59 16.74 1.53
N GLU B 30 -17.01 17.78 0.94
CA GLU B 30 -16.80 19.03 1.66
C GLU B 30 -18.15 19.66 2.03
N GLY B 31 -18.26 20.11 3.27
CA GLY B 31 -19.50 20.69 3.76
C GLY B 31 -20.66 19.73 3.76
N CYS B 32 -20.41 18.45 4.05
CA CYS B 32 -21.44 17.43 4.05
C CYS B 32 -21.55 16.79 5.42
N THR B 33 -22.77 16.72 5.94
CA THR B 33 -23.01 16.04 7.20
C THR B 33 -22.79 14.53 7.04
N PRO B 34 -22.45 13.83 8.13
CA PRO B 34 -22.28 12.37 8.03
C PRO B 34 -23.52 11.67 7.51
N TYR B 35 -24.70 12.27 7.68
CA TYR B 35 -25.91 11.73 7.05
C TYR B 35 -25.78 11.70 5.53
N ASP B 36 -25.33 12.81 4.94
CA ASP B 36 -25.12 12.85 3.49
C ASP B 36 -24.02 11.89 3.08
N ILE B 37 -22.98 11.75 3.90
CA ILE B 37 -21.92 10.80 3.58
C ILE B 37 -22.47 9.37 3.61
N ASN B 38 -23.41 9.09 4.51
CA ASN B 38 -24.06 7.78 4.51
C ASN B 38 -24.88 7.57 3.26
N GLN B 39 -25.60 8.59 2.81
CA GLN B 39 -26.33 8.46 1.54
C GLN B 39 -25.37 8.23 0.37
N MET B 40 -24.21 8.88 0.39
CA MET B 40 -23.20 8.60 -0.62
C MET B 40 -22.73 7.15 -0.53
N LEU B 41 -22.50 6.67 0.69
CA LEU B 41 -22.06 5.30 0.92
C LEU B 41 -23.08 4.30 0.41
N ASN B 42 -24.36 4.69 0.43
CA ASN B 42 -25.41 3.77 -0.02
C ASN B 42 -25.21 3.36 -1.47
N CYS B 43 -24.83 4.31 -2.34
CA CYS B 43 -24.65 3.98 -3.74
C CYS B 43 -23.33 3.25 -3.99
N VAL B 44 -22.27 3.60 -3.23
CA VAL B 44 -20.98 2.97 -3.45
C VAL B 44 -20.84 1.62 -2.76
N GLY B 45 -21.82 1.22 -1.96
CA GLY B 45 -21.78 -0.08 -1.31
C GLY B 45 -21.98 -1.25 -2.26
N ASP B 46 -22.23 -0.95 -3.54
CA ASP B 46 -22.44 -2.00 -4.52
C ASP B 46 -21.21 -2.89 -4.68
N HIS B 47 -20.02 -2.29 -4.72
CA HIS B 47 -18.78 -3.04 -4.83
C HIS B 47 -18.53 -3.75 -3.51
N GLN B 48 -18.65 -5.08 -3.52
CA GLN B 48 -18.64 -5.84 -2.26
C GLN B 48 -17.29 -5.73 -1.55
N ALA B 49 -16.19 -5.85 -2.29
CA ALA B 49 -14.87 -5.77 -1.66
C ALA B 49 -14.63 -4.38 -1.09
N ALA B 50 -14.93 -3.35 -1.88
CA ALA B 50 -14.81 -1.98 -1.37
C ALA B 50 -15.76 -1.75 -0.21
N MET B 51 -16.96 -2.33 -0.27
CA MET B 51 -17.93 -2.17 0.81
C MET B 51 -17.39 -2.75 2.11
N GLN B 52 -16.86 -3.98 2.08
CA GLN B 52 -16.35 -4.57 3.31
C GLN B 52 -15.10 -3.85 3.80
N ILE B 53 -14.24 -3.37 2.88
CA ILE B 53 -13.06 -2.64 3.31
C ILE B 53 -13.45 -1.35 4.03
N ILE B 54 -14.40 -0.60 3.45
CA ILE B 54 -14.80 0.64 4.09
C ILE B 54 -15.54 0.35 5.39
N ARG B 55 -16.31 -0.74 5.45
CA ARG B 55 -16.98 -1.10 6.69
C ARG B 55 -15.98 -1.37 7.80
N GLU B 56 -14.96 -2.20 7.52
CA GLU B 56 -13.99 -2.53 8.56
C GLU B 56 -13.16 -1.31 8.95
N ILE B 57 -12.80 -0.47 7.97
CA ILE B 57 -11.99 0.71 8.30
C ILE B 57 -12.81 1.69 9.14
N ILE B 58 -14.09 1.86 8.82
CA ILE B 58 -14.94 2.73 9.62
C ILE B 58 -15.13 2.15 11.01
N ASN B 59 -15.27 0.83 11.12
CA ASN B 59 -15.42 0.20 12.43
C ASN B 59 -14.19 0.43 13.30
N GLU B 60 -13.00 0.25 12.73
CA GLU B 60 -11.80 0.46 13.54
C GLU B 60 -11.59 1.93 13.87
N GLU B 61 -11.91 2.84 12.94
CA GLU B 61 -11.83 4.26 13.24
C GLU B 61 -12.77 4.63 14.38
N ALA B 62 -14.00 4.12 14.33
CA ALA B 62 -14.97 4.40 15.38
C ALA B 62 -14.53 3.81 16.72
N ALA B 63 -13.96 2.60 16.69
CA ALA B 63 -13.49 1.99 17.92
C ALA B 63 -12.38 2.80 18.56
N GLU B 64 -11.42 3.26 17.75
CA GLU B 64 -10.34 4.07 18.32
C GLU B 64 -10.84 5.43 18.77
N TRP B 65 -11.82 6.01 18.07
CA TRP B 65 -12.40 7.26 18.52
C TRP B 65 -13.09 7.07 19.87
N ASP B 66 -13.81 5.97 20.04
CA ASP B 66 -14.43 5.69 21.33
C ASP B 66 -13.39 5.47 22.41
N VAL B 67 -12.26 4.85 22.06
CA VAL B 67 -11.17 4.71 23.03
C VAL B 67 -10.64 6.07 23.45
N GLN B 68 -10.42 6.97 22.48
CA GLN B 68 -9.96 8.32 22.81
C GLN B 68 -11.01 9.12 23.56
N HIS B 69 -12.30 8.95 23.25
CA HIS B 69 -13.37 9.69 23.88
C HIS B 69 -14.42 8.74 24.41
N PRO B 70 -14.12 8.05 25.52
CA PRO B 70 -15.11 7.15 26.11
C PRO B 70 -16.08 7.89 27.01
N ILE B 71 -17.03 7.14 27.56
CA ILE B 71 -18.00 7.73 28.48
C ILE B 71 -17.85 7.07 29.85
N PRO B 72 -17.07 7.66 30.77
CA PRO B 72 -16.97 7.09 32.11
C PRO B 72 -18.09 7.49 33.05
N GLY B 73 -19.00 8.36 32.59
CA GLY B 73 -20.11 8.81 33.38
C GLY B 73 -21.27 9.26 32.51
N PRO B 74 -22.48 8.83 32.85
CA PRO B 74 -23.65 9.19 32.03
C PRO B 74 -23.87 10.69 31.96
N LEU B 75 -24.25 11.16 30.77
CA LEU B 75 -24.55 12.57 30.58
C LEU B 75 -25.85 12.91 31.28
N PRO B 76 -26.01 14.13 31.82
CA PRO B 76 -27.32 14.55 32.33
C PRO B 76 -28.37 14.50 31.23
N ALA B 77 -29.58 14.10 31.63
CA ALA B 77 -30.66 13.91 30.66
C ALA B 77 -31.09 15.25 30.05
N GLY B 78 -31.57 15.19 28.81
CA GLY B 78 -32.05 16.36 28.12
C GLY B 78 -30.99 17.09 27.31
N GLN B 79 -29.76 16.61 27.34
CA GLN B 79 -28.68 17.27 26.61
C GLN B 79 -28.13 16.33 25.54
N LEU B 80 -27.58 16.92 24.49
CA LEU B 80 -27.02 16.14 23.39
C LEU B 80 -25.75 15.44 23.84
N ARG B 81 -25.64 14.14 23.54
CA ARG B 81 -24.48 13.37 23.92
C ARG B 81 -23.27 13.78 23.08
N GLU B 82 -22.08 13.50 23.61
CA GLU B 82 -20.87 13.69 22.83
C GLU B 82 -20.84 12.70 21.68
N PRO B 83 -20.37 13.12 20.49
CA PRO B 83 -20.42 12.23 19.34
C PRO B 83 -19.49 11.03 19.46
N ARG B 84 -20.07 9.83 19.49
CA ARG B 84 -19.28 8.61 19.49
C ARG B 84 -18.73 8.34 18.09
N GLY B 85 -17.93 7.28 17.99
CA GLY B 85 -17.44 6.87 16.68
C GLY B 85 -18.56 6.45 15.75
N SER B 86 -19.53 5.70 16.28
CA SER B 86 -20.71 5.37 15.49
C SER B 86 -21.52 6.61 15.17
N ASP B 87 -21.54 7.59 16.08
CA ASP B 87 -22.21 8.85 15.78
C ASP B 87 -21.54 9.58 14.63
N ILE B 88 -20.20 9.55 14.60
CA ILE B 88 -19.47 10.11 13.45
C ILE B 88 -19.82 9.35 12.18
N ALA B 89 -19.91 8.02 12.29
CA ALA B 89 -20.32 7.20 11.15
C ALA B 89 -21.75 7.51 10.70
N GLY B 90 -22.56 8.11 11.57
CA GLY B 90 -23.92 8.47 11.23
C GLY B 90 -24.94 7.38 11.43
N THR B 91 -24.52 6.17 11.81
CA THR B 91 -25.47 5.09 12.04
C THR B 91 -26.30 5.33 13.29
N THR B 92 -25.64 5.70 14.38
CA THR B 92 -26.32 5.93 15.65
C THR B 92 -26.66 7.40 15.89
N SER B 93 -26.30 8.28 14.95
CA SER B 93 -26.58 9.71 15.08
C SER B 93 -27.49 10.15 13.95
N THR B 94 -28.55 10.87 14.30
CA THR B 94 -29.46 11.42 13.31
C THR B 94 -28.86 12.68 12.69
N VAL B 95 -29.51 13.15 11.62
CA VAL B 95 -29.03 14.34 10.92
C VAL B 95 -29.12 15.57 11.83
N GLU B 96 -30.16 15.65 12.67
CA GLU B 96 -30.30 16.79 13.56
C GLU B 96 -29.17 16.83 14.59
N GLU B 97 -28.78 15.66 15.12
CA GLU B 97 -27.67 15.63 16.05
C GLU B 97 -26.38 16.09 15.39
N GLN B 98 -26.13 15.65 14.16
CA GLN B 98 -24.93 16.05 13.46
C GLN B 98 -24.93 17.55 13.17
N ILE B 99 -26.08 18.10 12.76
CA ILE B 99 -26.11 19.53 12.47
C ILE B 99 -25.99 20.35 13.76
N GLN B 100 -26.51 19.83 14.87
CA GLN B 100 -26.32 20.51 16.15
C GLN B 100 -24.85 20.49 16.56
N TRP B 101 -24.17 19.37 16.36
CA TRP B 101 -22.74 19.30 16.63
C TRP B 101 -21.99 20.28 15.74
N MET B 102 -22.42 20.42 14.48
CA MET B 102 -21.80 21.40 13.59
C MET B 102 -22.01 22.82 14.11
N PHE B 103 -23.21 23.13 14.59
CA PHE B 103 -23.61 24.50 14.88
C PHE B 103 -23.60 24.83 16.37
N ARG B 104 -23.16 23.92 17.24
CA ARG B 104 -23.17 24.22 18.66
C ARG B 104 -22.04 25.19 18.99
N PRO B 105 -22.32 26.30 19.70
CA PRO B 105 -21.26 27.26 20.00
C PRO B 105 -20.14 26.69 20.85
N GLN B 106 -20.43 25.75 21.74
CA GLN B 106 -19.46 25.25 22.70
C GLN B 106 -18.69 24.08 22.10
N ASN B 107 -17.51 24.36 21.56
CA ASN B 107 -16.57 23.38 21.03
C ASN B 107 -17.24 22.43 20.04
N PRO B 108 -17.63 22.90 18.85
CA PRO B 108 -18.17 21.98 17.86
C PRO B 108 -17.13 20.96 17.43
N VAL B 109 -17.58 19.73 17.19
CA VAL B 109 -16.72 18.64 16.75
C VAL B 109 -17.03 18.38 15.27
N PRO B 110 -16.10 18.64 14.36
CA PRO B 110 -16.38 18.40 12.94
C PRO B 110 -16.43 16.91 12.62
N VAL B 111 -17.50 16.24 13.07
CA VAL B 111 -17.64 14.81 12.86
C VAL B 111 -17.76 14.48 11.38
N GLY B 112 -18.30 15.40 10.59
CA GLY B 112 -18.39 15.18 9.15
C GLY B 112 -17.03 15.00 8.51
N ASN B 113 -16.09 15.89 8.86
CA ASN B 113 -14.74 15.77 8.32
C ASN B 113 -14.02 14.54 8.85
N ILE B 114 -14.31 14.15 10.10
CA ILE B 114 -13.69 12.94 10.65
C ILE B 114 -14.16 11.71 9.87
N TYR B 115 -15.46 11.62 9.61
CA TYR B 115 -15.98 10.52 8.80
C TYR B 115 -15.46 10.59 7.38
N ARG B 116 -15.25 11.80 6.86
CA ARG B 116 -14.63 11.95 5.54
C ARG B 116 -13.23 11.37 5.54
N ARG B 117 -12.44 11.66 6.58
CA ARG B 117 -11.11 11.07 6.67
C ARG B 117 -11.17 9.55 6.77
N TRP B 118 -12.15 9.03 7.51
CA TRP B 118 -12.32 7.59 7.63
C TRP B 118 -12.56 6.96 6.27
N ILE B 119 -13.56 7.47 5.54
CA ILE B 119 -13.88 6.91 4.22
C ILE B 119 -12.75 7.18 3.24
N GLN B 120 -11.98 8.26 3.43
CA GLN B 120 -10.82 8.52 2.59
C GLN B 120 -9.77 7.44 2.77
N ILE B 121 -9.50 7.05 4.03
CA ILE B 121 -8.56 5.97 4.28
C ILE B 121 -9.08 4.66 3.70
N GLY B 122 -10.39 4.43 3.83
CA GLY B 122 -10.98 3.23 3.24
C GLY B 122 -10.81 3.18 1.73
N LEU B 123 -11.06 4.30 1.04
CA LEU B 123 -10.89 4.36 -0.40
C LEU B 123 -9.44 4.22 -0.79
N GLN B 124 -8.53 4.79 0.01
CA GLN B 124 -7.10 4.56 -0.19
C GLN B 124 -6.77 3.07 -0.17
N LYS B 125 -7.25 2.36 0.84
CA LYS B 125 -6.97 0.93 0.92
C LYS B 125 -7.58 0.20 -0.26
N CYS B 126 -8.80 0.57 -0.65
CA CYS B 126 -9.45 -0.06 -1.79
C CYS B 126 -8.62 0.12 -3.06
N VAL B 127 -8.15 1.35 -3.30
CA VAL B 127 -7.32 1.60 -4.48
C VAL B 127 -6.04 0.79 -4.41
N ARG B 128 -5.42 0.71 -3.23
CA ARG B 128 -4.18 -0.03 -3.09
C ARG B 128 -4.38 -1.52 -3.32
N MET B 129 -5.59 -2.04 -3.09
CA MET B 129 -5.84 -3.46 -3.30
C MET B 129 -6.61 -3.79 -4.58
N TYR B 130 -7.29 -2.82 -5.18
CA TYR B 130 -8.21 -3.12 -6.26
C TYR B 130 -7.46 -3.53 -7.52
N ASN B 131 -7.85 -4.68 -8.09
CA ASN B 131 -7.27 -5.16 -9.32
C ASN B 131 -7.78 -4.33 -10.50
N PRO B 132 -7.01 -4.30 -11.62
CA PRO B 132 -7.40 -3.44 -12.74
C PRO B 132 -8.82 -3.65 -13.24
N THR B 133 -9.15 -4.88 -13.64
CA THR B 133 -10.48 -5.18 -14.16
C THR B 133 -10.70 -6.68 -14.07
N ASN B 134 -11.82 -7.14 -14.65
CA ASN B 134 -12.11 -8.57 -14.71
C ASN B 134 -12.61 -9.06 -16.06
N ILE B 135 -13.19 -8.20 -16.90
CA ILE B 135 -13.77 -8.67 -18.15
C ILE B 135 -12.69 -9.16 -19.11
N LEU B 136 -11.58 -8.43 -19.21
CA LEU B 136 -10.46 -8.91 -20.01
C LEU B 136 -9.63 -9.96 -19.28
N ASP B 137 -9.74 -10.05 -17.96
CA ASP B 137 -8.98 -11.04 -17.20
C ASP B 137 -9.68 -12.39 -17.13
N ILE B 138 -10.89 -12.52 -17.66
CA ILE B 138 -11.54 -13.81 -17.74
C ILE B 138 -10.83 -14.63 -18.82
N LYS B 139 -10.00 -15.57 -18.39
CA LYS B 139 -9.23 -16.40 -19.31
C LYS B 139 -9.47 -17.85 -18.95
N GLN B 140 -9.80 -18.66 -19.95
CA GLN B 140 -10.05 -20.07 -19.71
C GLN B 140 -8.78 -20.78 -19.23
N GLY B 141 -8.96 -21.69 -18.29
CA GLY B 141 -7.86 -22.52 -17.83
C GLY B 141 -7.73 -23.77 -18.66
N PRO B 142 -6.52 -24.34 -18.72
CA PRO B 142 -6.33 -25.58 -19.48
C PRO B 142 -7.18 -26.73 -18.96
N LYS B 143 -7.40 -26.80 -17.65
CA LYS B 143 -8.24 -27.83 -17.06
C LYS B 143 -9.68 -27.34 -16.83
N GLU B 144 -9.91 -26.05 -16.90
CA GLU B 144 -11.23 -25.51 -16.61
C GLU B 144 -12.23 -25.96 -17.68
N PRO B 145 -13.38 -26.51 -17.29
CA PRO B 145 -14.41 -26.84 -18.28
C PRO B 145 -14.86 -25.59 -19.02
N PHE B 146 -15.13 -25.74 -20.32
CA PHE B 146 -15.48 -24.59 -21.14
C PHE B 146 -16.83 -23.99 -20.73
N GLN B 147 -17.77 -24.82 -20.27
CA GLN B 147 -19.07 -24.29 -19.85
C GLN B 147 -18.94 -23.36 -18.64
N SER B 148 -18.09 -23.73 -17.68
CA SER B 148 -17.87 -22.86 -16.52
C SER B 148 -17.21 -21.55 -16.94
N TYR B 149 -16.26 -21.62 -17.87
CA TYR B 149 -15.63 -20.40 -18.38
C TYR B 149 -16.64 -19.51 -19.06
N VAL B 150 -17.54 -20.09 -19.86
CA VAL B 150 -18.58 -19.31 -20.51
C VAL B 150 -19.50 -18.67 -19.47
N ASP B 151 -19.87 -19.44 -18.44
CA ASP B 151 -20.76 -18.93 -17.42
C ASP B 151 -20.14 -17.75 -16.68
N ARG B 152 -18.87 -17.88 -16.29
CA ARG B 152 -18.23 -16.79 -15.56
C ARG B 152 -17.97 -15.59 -16.45
N PHE B 153 -17.68 -15.81 -17.74
CA PHE B 153 -17.56 -14.69 -18.66
C PHE B 153 -18.89 -13.96 -18.82
N TYR B 154 -19.99 -14.72 -18.90
CA TYR B 154 -21.31 -14.11 -18.97
C TYR B 154 -21.63 -13.31 -17.72
N LYS B 155 -21.28 -13.84 -16.54
CA LYS B 155 -21.49 -13.09 -15.31
C LYS B 155 -20.65 -11.82 -15.28
N SER B 156 -19.39 -11.92 -15.72
CA SER B 156 -18.53 -10.74 -15.74
C SER B 156 -19.06 -9.67 -16.68
N LEU B 157 -19.53 -10.06 -17.86
CA LEU B 157 -20.07 -9.07 -18.79
C LEU B 157 -21.41 -8.51 -18.30
N ARG B 158 -22.22 -9.34 -17.62
CA ARG B 158 -23.49 -8.85 -17.10
C ARG B 158 -23.28 -7.89 -15.93
N ALA B 159 -22.19 -8.05 -15.18
CA ALA B 159 -21.91 -7.14 -14.08
C ALA B 159 -21.66 -5.73 -14.59
N GLU B 160 -21.15 -5.59 -15.80
CA GLU B 160 -20.88 -4.30 -16.44
C GLU B 160 -21.41 -4.29 -17.86
N GLN B 161 -22.67 -4.71 -18.03
CA GLN B 161 -23.25 -4.81 -19.36
C GLN B 161 -23.33 -3.43 -20.02
N THR B 162 -23.16 -3.42 -21.34
CA THR B 162 -23.05 -2.19 -22.10
C THR B 162 -24.23 -1.97 -23.02
N ASP B 163 -24.51 -2.92 -23.92
CA ASP B 163 -25.58 -2.80 -24.88
C ASP B 163 -25.94 -4.21 -25.35
N PRO B 164 -27.22 -4.51 -25.58
CA PRO B 164 -27.57 -5.85 -26.07
C PRO B 164 -26.85 -6.23 -27.36
N ALA B 165 -26.66 -5.29 -28.27
CA ALA B 165 -25.94 -5.58 -29.50
C ALA B 165 -24.44 -5.73 -29.25
N VAL B 166 -23.89 -4.92 -28.34
CA VAL B 166 -22.46 -4.98 -28.07
C VAL B 166 -22.09 -6.30 -27.41
N LYS B 167 -22.90 -6.75 -26.45
CA LYS B 167 -22.59 -8.00 -25.76
C LYS B 167 -22.71 -9.21 -26.67
N ASN B 168 -23.55 -9.15 -27.71
CA ASN B 168 -23.56 -10.23 -28.69
C ASN B 168 -22.20 -10.37 -29.37
N TRP B 169 -21.63 -9.24 -29.78
CA TRP B 169 -20.28 -9.22 -30.35
C TRP B 169 -19.21 -9.62 -29.34
N MET B 170 -19.37 -9.22 -28.07
CA MET B 170 -18.51 -9.68 -27.00
C MET B 170 -18.47 -11.21 -26.92
N THR B 171 -19.64 -11.84 -26.84
CA THR B 171 -19.71 -13.30 -26.81
C THR B 171 -19.20 -13.91 -28.10
N GLN B 172 -19.40 -13.25 -29.23
CA GLN B 172 -18.93 -13.74 -30.52
C GLN B 172 -17.41 -13.77 -30.61
N THR B 173 -16.72 -12.77 -30.07
CA THR B 173 -15.27 -12.64 -30.29
C THR B 173 -14.46 -12.94 -29.04
N LEU B 174 -14.72 -12.27 -27.91
CA LEU B 174 -13.87 -12.42 -26.74
C LEU B 174 -13.92 -13.83 -26.16
N LEU B 175 -15.04 -14.54 -26.32
CA LEU B 175 -15.13 -15.90 -25.80
C LEU B 175 -14.12 -16.82 -26.46
N VAL B 176 -13.97 -16.73 -27.78
CA VAL B 176 -12.98 -17.54 -28.47
C VAL B 176 -11.59 -16.92 -28.33
N GLN B 177 -11.49 -15.61 -28.11
CA GLN B 177 -10.19 -14.98 -27.94
C GLN B 177 -9.50 -15.47 -26.68
N ASN B 178 -10.26 -15.61 -25.58
CA ASN B 178 -9.71 -16.07 -24.31
C ASN B 178 -9.82 -17.58 -24.14
N ALA B 179 -10.30 -18.29 -25.15
CA ALA B 179 -10.47 -19.74 -25.05
C ALA B 179 -9.14 -20.46 -25.25
N ASN B 180 -8.95 -21.54 -24.52
CA ASN B 180 -7.75 -22.36 -24.68
C ASN B 180 -7.77 -23.07 -26.04
N PRO B 181 -6.59 -23.39 -26.58
CA PRO B 181 -6.52 -23.84 -27.99
C PRO B 181 -7.36 -25.07 -28.30
N ASP B 182 -7.45 -26.04 -27.39
CA ASP B 182 -8.22 -27.25 -27.68
C ASP B 182 -9.70 -26.92 -27.89
N CYS B 183 -10.26 -26.03 -27.07
CA CYS B 183 -11.61 -25.55 -27.32
C CYS B 183 -11.64 -24.55 -28.47
N LYS B 184 -10.56 -23.78 -28.64
CA LYS B 184 -10.52 -22.75 -29.67
C LYS B 184 -10.63 -23.34 -31.07
N LEU B 185 -10.02 -24.51 -31.29
CA LEU B 185 -10.05 -25.10 -32.62
C LEU B 185 -11.46 -25.56 -33.00
N VAL B 186 -12.19 -26.19 -32.06
CA VAL B 186 -13.56 -26.57 -32.37
C VAL B 186 -14.45 -25.33 -32.45
N LEU B 187 -14.12 -24.27 -31.71
CA LEU B 187 -14.88 -23.03 -31.84
C LEU B 187 -14.72 -22.43 -33.23
N LYS B 188 -13.50 -22.41 -33.76
CA LYS B 188 -13.27 -21.83 -35.08
C LYS B 188 -13.60 -22.80 -36.21
N GLY B 189 -13.85 -24.08 -35.90
CA GLY B 189 -14.11 -25.04 -36.95
C GLY B 189 -15.46 -24.94 -37.62
N LEU B 190 -16.38 -24.13 -37.08
CA LEU B 190 -17.70 -24.01 -37.69
C LEU B 190 -17.79 -22.83 -38.66
N GLY B 191 -17.57 -21.62 -38.15
CA GLY B 191 -17.59 -20.46 -39.02
C GLY B 191 -18.17 -19.19 -38.44
N MET B 192 -18.91 -18.45 -39.26
CA MET B 192 -19.33 -17.10 -38.94
C MET B 192 -20.62 -17.09 -38.13
N ASN B 193 -20.72 -16.10 -37.23
CA ASN B 193 -21.83 -15.88 -36.30
C ASN B 193 -22.27 -17.16 -35.59
N PRO B 194 -21.46 -17.69 -34.66
CA PRO B 194 -21.93 -18.80 -33.84
C PRO B 194 -23.02 -18.36 -32.88
N THR B 195 -23.85 -19.31 -32.47
CA THR B 195 -24.85 -19.09 -31.44
C THR B 195 -24.59 -20.02 -30.27
N LEU B 196 -25.09 -19.62 -29.09
CA LEU B 196 -24.64 -20.20 -27.84
C LEU B 196 -24.92 -21.70 -27.77
N GLU B 197 -26.12 -22.12 -28.16
CA GLU B 197 -26.51 -23.51 -27.96
C GLU B 197 -25.67 -24.46 -28.83
N GLU B 198 -25.48 -24.11 -30.10
CA GLU B 198 -24.75 -25.01 -30.99
C GLU B 198 -23.26 -25.04 -30.65
N MET B 199 -22.68 -23.90 -30.29
CA MET B 199 -21.27 -23.89 -29.91
C MET B 199 -21.06 -24.65 -28.61
N LEU B 200 -22.01 -24.55 -27.68
CA LEU B 200 -21.93 -25.31 -26.44
C LEU B 200 -22.01 -26.81 -26.71
N THR B 201 -22.96 -27.23 -27.57
CA THR B 201 -23.10 -28.66 -27.83
C THR B 201 -21.99 -29.19 -28.73
N ALA B 202 -21.29 -28.33 -29.44
CA ALA B 202 -20.17 -28.78 -30.26
C ALA B 202 -18.87 -28.85 -29.46
N CYS B 203 -18.67 -27.91 -28.53
CA CYS B 203 -17.47 -27.88 -27.71
C CYS B 203 -17.57 -28.82 -26.51
N GLN B 204 -18.72 -29.44 -26.28
CA GLN B 204 -18.89 -30.28 -25.10
C GLN B 204 -18.32 -31.67 -25.36
N GLY B 205 -17.10 -31.72 -25.88
CA GLY B 205 -16.35 -32.96 -25.94
C GLY B 205 -14.87 -32.74 -25.70
N VAL B 206 -14.49 -31.47 -25.53
CA VAL B 206 -13.09 -31.12 -25.40
C VAL B 206 -12.57 -31.63 -24.05
N GLY B 207 -11.47 -32.39 -24.10
CA GLY B 207 -10.97 -33.06 -22.92
C GLY B 207 -11.62 -34.39 -22.64
N GLY B 208 -12.74 -34.71 -23.30
CA GLY B 208 -13.40 -35.97 -23.11
C GLY B 208 -12.67 -37.10 -23.82
N PRO B 209 -13.06 -38.33 -23.48
CA PRO B 209 -12.33 -39.49 -24.01
C PRO B 209 -12.27 -39.54 -25.53
N GLY B 210 -13.35 -39.12 -26.21
CA GLY B 210 -13.32 -39.11 -27.66
C GLY B 210 -12.28 -38.17 -28.21
N GLN B 211 -12.22 -36.95 -27.67
CA GLN B 211 -11.22 -36.00 -28.14
C GLN B 211 -9.82 -36.38 -27.67
N LYS B 212 -9.68 -36.96 -26.48
CA LYS B 212 -8.39 -37.51 -26.06
C LYS B 212 -7.87 -38.51 -27.09
N ALA B 213 -8.72 -39.48 -27.45
CA ALA B 213 -8.32 -40.49 -28.42
C ALA B 213 -8.02 -39.86 -29.78
N ARG B 214 -8.84 -38.90 -30.20
CA ARG B 214 -8.62 -38.25 -31.49
C ARG B 214 -7.27 -37.53 -31.52
N LEU B 215 -6.96 -36.77 -30.46
CA LEU B 215 -5.74 -35.99 -30.45
C LEU B 215 -4.51 -36.90 -30.36
N MET B 216 -4.56 -37.94 -29.53
CA MET B 216 -3.42 -38.85 -29.48
C MET B 216 -3.26 -39.61 -30.79
N ALA B 217 -4.37 -39.97 -31.42
CA ALA B 217 -4.31 -40.68 -32.70
C ALA B 217 -3.66 -39.81 -33.77
N GLU B 218 -4.11 -38.55 -33.89
CA GLU B 218 -3.51 -37.68 -34.89
C GLU B 218 -2.05 -37.39 -34.58
N ALA B 219 -1.71 -37.21 -33.30
CA ALA B 219 -0.33 -36.97 -32.93
C ALA B 219 0.55 -38.15 -33.34
N LEU B 220 0.10 -39.37 -33.08
CA LEU B 220 0.81 -40.54 -33.56
C LEU B 220 0.84 -40.59 -35.09
N LYS B 221 -0.18 -40.03 -35.74
CA LYS B 221 -0.20 -40.00 -37.20
C LYS B 221 0.94 -39.16 -37.75
N GLU B 222 1.17 -37.97 -37.19
CA GLU B 222 2.37 -37.28 -37.67
C GLU B 222 3.65 -37.85 -37.09
N VAL B 223 3.58 -38.59 -35.98
CA VAL B 223 4.76 -39.28 -35.48
C VAL B 223 5.15 -40.41 -36.42
N ILE B 224 4.19 -41.22 -36.85
CA ILE B 224 4.45 -42.35 -37.72
C ILE B 224 4.73 -41.87 -39.14
N SER C 1 6.44 10.46 20.49
CA SER C 1 6.41 11.34 19.33
C SER C 1 6.15 10.54 18.05
N PRO C 2 5.42 11.15 17.11
CA PRO C 2 5.13 10.45 15.84
C PRO C 2 6.37 10.07 15.05
N ARG C 3 7.48 10.81 15.20
CA ARG C 3 8.71 10.46 14.49
C ARG C 3 9.30 9.16 15.01
N THR C 4 9.22 8.91 16.32
CA THR C 4 9.65 7.62 16.85
C THR C 4 8.74 6.50 16.36
N LEU C 5 7.44 6.77 16.22
CA LEU C 5 6.53 5.79 15.66
C LEU C 5 6.89 5.47 14.22
N ASN C 6 7.27 6.49 13.44
CA ASN C 6 7.71 6.27 12.07
C ASN C 6 9.01 5.47 12.02
N ALA C 7 9.92 5.73 12.96
CA ALA C 7 11.15 4.96 13.04
C ALA C 7 10.84 3.48 13.32
N TRP C 8 9.92 3.23 14.25
CA TRP C 8 9.51 1.85 14.49
C TRP C 8 8.78 1.25 13.29
N VAL C 9 8.05 2.08 12.54
CA VAL C 9 7.40 1.56 11.33
C VAL C 9 8.46 1.07 10.35
N LYS C 10 9.44 1.93 10.04
CA LYS C 10 10.47 1.54 9.09
C LYS C 10 11.28 0.35 9.61
N LEU C 11 11.44 0.23 10.92
CA LEU C 11 12.04 -0.97 11.48
C LEU C 11 11.18 -2.21 11.19
N VAL C 12 9.86 -2.06 11.30
CA VAL C 12 8.97 -3.21 11.14
C VAL C 12 8.98 -3.71 9.70
N GLU C 13 8.82 -2.81 8.73
CA GLU C 13 8.80 -3.29 7.35
C GLU C 13 10.21 -3.51 6.77
N GLU C 14 11.16 -2.61 7.02
CA GLU C 14 12.49 -2.80 6.46
C GLU C 14 13.16 -4.06 7.01
N LYS C 15 13.02 -4.30 8.31
CA LYS C 15 13.56 -5.50 8.95
C LYS C 15 12.41 -6.45 9.22
N LYS C 16 12.39 -7.58 8.51
CA LYS C 16 11.26 -8.51 8.52
C LYS C 16 11.30 -9.35 9.80
N PHE C 17 11.00 -8.67 10.91
CA PHE C 17 10.86 -9.29 12.22
C PHE C 17 12.08 -10.14 12.58
N GLY C 18 13.25 -9.49 12.55
CA GLY C 18 14.48 -10.16 12.93
C GLY C 18 14.66 -10.19 14.44
N ALA C 19 15.83 -10.69 14.85
CA ALA C 19 16.14 -10.76 16.27
C ALA C 19 16.30 -9.38 16.90
N GLU C 20 16.53 -8.35 16.09
CA GLU C 20 16.71 -6.99 16.60
C GLU C 20 15.40 -6.32 16.97
N VAL C 21 14.25 -6.84 16.52
CA VAL C 21 12.99 -6.14 16.74
C VAL C 21 12.59 -6.19 18.22
N VAL C 22 12.95 -7.25 18.94
CA VAL C 22 12.59 -7.35 20.35
C VAL C 22 13.34 -6.29 21.16
N PRO C 23 14.68 -6.21 21.08
CA PRO C 23 15.36 -5.11 21.79
C PRO C 23 14.99 -3.74 21.26
N GLY C 24 14.68 -3.63 19.96
CA GLY C 24 14.23 -2.35 19.43
C GLY C 24 12.93 -1.90 20.06
N PHE C 25 11.97 -2.82 20.19
CA PHE C 25 10.71 -2.50 20.86
C PHE C 25 10.95 -2.13 22.32
N GLN C 26 11.81 -2.90 23.00
CA GLN C 26 12.09 -2.58 24.39
C GLN C 26 12.71 -1.19 24.51
N ALA C 27 13.51 -0.79 23.51
CA ALA C 27 14.13 0.54 23.53
C ALA C 27 13.11 1.64 23.26
N LEU C 28 12.25 1.46 22.25
CA LEU C 28 11.29 2.49 21.90
C LEU C 28 10.20 2.64 22.95
N SER C 29 9.80 1.55 23.59
CA SER C 29 8.66 1.55 24.51
C SER C 29 9.02 2.03 25.90
N GLU C 30 10.28 2.37 26.16
CA GLU C 30 10.67 2.85 27.48
C GLU C 30 10.00 4.17 27.79
N GLY C 31 9.46 4.28 29.00
CA GLY C 31 8.75 5.48 29.39
C GLY C 31 7.51 5.76 28.58
N CYS C 32 6.79 4.72 28.16
CA CYS C 32 5.60 4.86 27.33
C CYS C 32 4.40 4.25 28.04
N THR C 33 3.32 5.02 28.10
CA THR C 33 2.08 4.53 28.67
C THR C 33 1.48 3.45 27.76
N PRO C 34 0.68 2.54 28.32
CA PRO C 34 0.04 1.53 27.47
C PRO C 34 -0.80 2.12 26.35
N TYR C 35 -1.29 3.35 26.53
CA TYR C 35 -1.96 4.06 25.44
C TYR C 35 -1.03 4.25 24.25
N ASP C 36 0.20 4.72 24.51
CA ASP C 36 1.18 4.89 23.45
C ASP C 36 1.57 3.55 22.84
N ILE C 37 1.64 2.50 23.67
CA ILE C 37 1.95 1.18 23.15
C ILE C 37 0.82 0.69 22.25
N ASN C 38 -0.42 1.04 22.57
CA ASN C 38 -1.54 0.72 21.68
C ASN C 38 -1.43 1.46 20.36
N GLN C 39 -1.04 2.74 20.39
CA GLN C 39 -0.84 3.46 19.14
C GLN C 39 0.28 2.83 18.32
N MET C 40 1.34 2.36 18.98
CA MET C 40 2.38 1.62 18.27
C MET C 40 1.83 0.35 17.66
N LEU C 41 1.00 -0.37 18.42
CA LEU C 41 0.39 -1.60 17.94
C LEU C 41 -0.48 -1.35 16.73
N ASN C 42 -1.07 -0.15 16.63
CA ASN C 42 -1.96 0.16 15.52
C ASN C 42 -1.22 0.05 14.18
N CYS C 43 0.02 0.53 14.13
CA CYS C 43 0.78 0.48 12.88
C CYS C 43 1.30 -0.93 12.60
N VAL C 44 1.71 -1.66 13.63
CA VAL C 44 2.28 -2.99 13.44
C VAL C 44 1.23 -4.07 13.26
N GLY C 45 -0.04 -3.74 13.44
CA GLY C 45 -1.09 -4.72 13.24
C GLY C 45 -1.32 -5.10 11.79
N ASP C 46 -0.57 -4.47 10.88
CA ASP C 46 -0.72 -4.76 9.45
C ASP C 46 -0.37 -6.22 9.15
N HIS C 47 0.71 -6.72 9.74
CA HIS C 47 1.12 -8.11 9.54
C HIS C 47 0.13 -9.02 10.26
N GLN C 48 -0.68 -9.75 9.48
CA GLN C 48 -1.80 -10.49 10.05
C GLN C 48 -1.33 -11.58 11.01
N ALA C 49 -0.31 -12.34 10.62
CA ALA C 49 0.19 -13.41 11.49
C ALA C 49 0.76 -12.84 12.78
N ALA C 50 1.60 -11.81 12.66
CA ALA C 50 2.13 -11.15 13.85
C ALA C 50 1.00 -10.53 14.67
N MET C 51 -0.01 -9.98 13.99
CA MET C 51 -1.13 -9.37 14.70
C MET C 51 -1.87 -10.39 15.54
N GLN C 52 -2.19 -11.55 14.96
CA GLN C 52 -2.91 -12.56 15.73
C GLN C 52 -2.04 -13.15 16.84
N ILE C 53 -0.74 -13.31 16.58
CA ILE C 53 0.15 -13.84 17.63
C ILE C 53 0.19 -12.89 18.81
N ILE C 54 0.36 -11.59 18.54
CA ILE C 54 0.42 -10.64 19.65
C ILE C 54 -0.93 -10.53 20.33
N ARG C 55 -2.03 -10.64 19.58
CA ARG C 55 -3.35 -10.61 20.19
C ARG C 55 -3.52 -11.76 21.18
N GLU C 56 -3.19 -12.99 20.74
CA GLU C 56 -3.38 -14.14 21.62
C GLU C 56 -2.43 -14.09 22.82
N ILE C 57 -1.19 -13.63 22.60
CA ILE C 57 -0.24 -13.57 23.71
C ILE C 57 -0.68 -12.52 24.72
N ILE C 58 -1.20 -11.38 24.25
CA ILE C 58 -1.69 -10.36 25.16
C ILE C 58 -2.92 -10.85 25.89
N ASN C 59 -3.79 -11.61 25.20
CA ASN C 59 -4.98 -12.14 25.85
C ASN C 59 -4.61 -13.10 26.97
N GLU C 60 -3.65 -14.01 26.72
CA GLU C 60 -3.28 -14.95 27.76
C GLU C 60 -2.53 -14.26 28.90
N GLU C 61 -1.69 -13.26 28.59
CA GLU C 61 -1.03 -12.48 29.64
C GLU C 61 -2.06 -11.78 30.53
N ALA C 62 -3.07 -11.16 29.90
CA ALA C 62 -4.10 -10.47 30.65
C ALA C 62 -4.93 -11.44 31.48
N ALA C 63 -5.23 -12.61 30.93
CA ALA C 63 -5.99 -13.61 31.67
C ALA C 63 -5.23 -14.06 32.91
N GLU C 64 -3.93 -14.34 32.77
CA GLU C 64 -3.16 -14.78 33.93
C GLU C 64 -2.98 -13.63 34.93
N TRP C 65 -2.84 -12.40 34.44
CA TRP C 65 -2.79 -11.26 35.36
C TRP C 65 -4.07 -11.14 36.16
N ASP C 66 -5.22 -11.32 35.50
CA ASP C 66 -6.49 -11.29 36.22
C ASP C 66 -6.60 -12.43 37.22
N VAL C 67 -6.05 -13.60 36.87
CA VAL C 67 -6.02 -14.71 37.82
C VAL C 67 -5.19 -14.34 39.04
N GLN C 68 -4.02 -13.75 38.83
CA GLN C 68 -3.18 -13.32 39.95
C GLN C 68 -3.80 -12.18 40.74
N HIS C 69 -4.51 -11.27 40.07
CA HIS C 69 -5.11 -10.11 40.74
C HIS C 69 -6.58 -10.03 40.36
N PRO C 70 -7.41 -10.90 40.92
CA PRO C 70 -8.85 -10.85 40.64
C PRO C 70 -9.54 -9.83 41.53
N ILE C 71 -10.85 -9.69 41.32
CA ILE C 71 -11.65 -8.78 42.14
C ILE C 71 -12.71 -9.59 42.89
N PRO C 72 -12.44 -9.99 44.14
CA PRO C 72 -13.46 -10.71 44.92
C PRO C 72 -14.45 -9.79 45.60
N GLY C 73 -14.27 -8.48 45.50
CA GLY C 73 -15.17 -7.52 46.10
C GLY C 73 -15.11 -6.18 45.39
N PRO C 74 -16.28 -5.60 45.12
CA PRO C 74 -16.32 -4.34 44.38
C PRO C 74 -15.59 -3.22 45.10
N LEU C 75 -14.89 -2.40 44.33
CA LEU C 75 -14.19 -1.26 44.88
C LEU C 75 -15.20 -0.19 45.31
N PRO C 76 -14.93 0.57 46.37
CA PRO C 76 -15.79 1.71 46.69
C PRO C 76 -15.83 2.70 45.54
N ALA C 77 -17.01 3.28 45.33
CA ALA C 77 -17.22 4.19 44.20
C ALA C 77 -16.40 5.47 44.35
N GLY C 78 -16.01 6.04 43.22
CA GLY C 78 -15.27 7.27 43.22
C GLY C 78 -13.76 7.10 43.23
N GLN C 79 -13.29 5.86 43.30
CA GLN C 79 -11.85 5.60 43.34
C GLN C 79 -11.42 4.82 42.11
N LEU C 80 -10.15 4.99 41.74
CA LEU C 80 -9.61 4.31 40.57
C LEU C 80 -9.47 2.82 40.85
N ARG C 81 -9.95 1.99 39.91
CA ARG C 81 -9.87 0.55 40.07
C ARG C 81 -8.44 0.06 39.93
N GLU C 82 -8.17 -1.11 40.50
CA GLU C 82 -6.88 -1.75 40.28
C GLU C 82 -6.75 -2.15 38.82
N PRO C 83 -5.56 -2.00 38.23
CA PRO C 83 -5.41 -2.29 36.80
C PRO C 83 -5.57 -3.76 36.46
N ARG C 84 -6.59 -4.07 35.67
CA ARG C 84 -6.78 -5.43 35.19
C ARG C 84 -5.80 -5.73 34.06
N GLY C 85 -5.82 -6.98 33.60
CA GLY C 85 -5.00 -7.34 32.45
C GLY C 85 -5.39 -6.56 31.20
N SER C 86 -6.68 -6.41 30.96
CA SER C 86 -7.13 -5.56 29.86
C SER C 86 -6.76 -4.10 30.09
N ASP C 87 -6.76 -3.67 31.36
CA ASP C 87 -6.30 -2.32 31.66
C ASP C 87 -4.83 -2.13 31.32
N ILE C 88 -4.01 -3.16 31.61
CA ILE C 88 -2.61 -3.12 31.19
C ILE C 88 -2.51 -3.08 29.68
N ALA C 89 -3.35 -3.86 29.00
CA ALA C 89 -3.38 -3.82 27.54
C ALA C 89 -3.83 -2.46 27.00
N GLY C 90 -4.49 -1.65 27.82
CA GLY C 90 -4.93 -0.34 27.42
C GLY C 90 -6.27 -0.29 26.72
N THR C 91 -6.89 -1.43 26.45
CA THR C 91 -8.19 -1.43 25.79
C THR C 91 -9.28 -0.92 26.72
N THR C 92 -9.31 -1.41 27.95
CA THR C 92 -10.32 -1.01 28.92
C THR C 92 -9.86 0.11 29.84
N SER C 93 -8.64 0.59 29.68
CA SER C 93 -8.09 1.66 30.51
C SER C 93 -7.75 2.86 29.64
N THR C 94 -8.21 4.03 30.05
CA THR C 94 -7.89 5.26 29.35
C THR C 94 -6.48 5.72 29.70
N VAL C 95 -5.99 6.73 28.96
CA VAL C 95 -4.65 7.24 29.19
C VAL C 95 -4.55 7.90 30.57
N GLU C 96 -5.62 8.56 31.02
CA GLU C 96 -5.59 9.19 32.34
C GLU C 96 -5.48 8.16 33.46
N GLU C 97 -6.19 7.03 33.32
CA GLU C 97 -6.07 5.97 34.31
C GLU C 97 -4.65 5.43 34.36
N GLN C 98 -4.03 5.21 33.20
CA GLN C 98 -2.67 4.70 33.16
C GLN C 98 -1.69 5.70 33.78
N ILE C 99 -1.84 6.99 33.47
CA ILE C 99 -0.92 7.97 34.03
C ILE C 99 -1.14 8.12 35.54
N GLN C 100 -2.39 7.97 36.00
CA GLN C 100 -2.63 7.98 37.44
C GLN C 100 -1.97 6.78 38.12
N TRP C 101 -2.07 5.60 37.50
CA TRP C 101 -1.38 4.43 38.04
C TRP C 101 0.12 4.66 38.06
N MET C 102 0.66 5.32 37.04
CA MET C 102 2.07 5.66 37.03
C MET C 102 2.43 6.59 38.18
N PHE C 103 1.59 7.59 38.43
CA PHE C 103 1.93 8.69 39.33
C PHE C 103 1.26 8.59 40.69
N ARG C 104 0.54 7.51 40.98
CA ARG C 104 -0.12 7.41 42.28
C ARG C 104 0.91 7.10 43.35
N PRO C 105 0.94 7.85 44.46
CA PRO C 105 1.93 7.59 45.51
C PRO C 105 1.82 6.22 46.14
N GLN C 106 0.61 5.66 46.24
CA GLN C 106 0.38 4.42 46.97
C GLN C 106 0.55 3.24 46.03
N ASN C 107 1.74 2.64 46.05
CA ASN C 107 2.08 1.42 45.32
C ASN C 107 1.71 1.53 43.83
N PRO C 108 2.41 2.36 43.06
CA PRO C 108 2.15 2.40 41.62
C PRO C 108 2.48 1.06 40.97
N VAL C 109 1.66 0.69 40.00
CA VAL C 109 1.84 -0.56 39.24
C VAL C 109 2.36 -0.18 37.85
N PRO C 110 3.60 -0.52 37.50
CA PRO C 110 4.11 -0.18 36.16
C PRO C 110 3.44 -1.00 35.07
N VAL C 111 2.17 -0.70 34.79
CA VAL C 111 1.42 -1.46 33.79
C VAL C 111 2.02 -1.27 32.41
N GLY C 112 2.65 -0.12 32.16
CA GLY C 112 3.29 0.10 30.88
C GLY C 112 4.39 -0.90 30.62
N ASN C 113 5.26 -1.13 31.61
CA ASN C 113 6.32 -2.11 31.45
C ASN C 113 5.78 -3.53 31.37
N ILE C 114 4.68 -3.82 32.06
CA ILE C 114 4.06 -5.14 31.97
C ILE C 114 3.55 -5.41 30.56
N TYR C 115 2.86 -4.42 29.98
CA TYR C 115 2.41 -4.55 28.60
C TYR C 115 3.59 -4.60 27.63
N ARG C 116 4.67 -3.90 27.95
CA ARG C 116 5.89 -4.01 27.15
C ARG C 116 6.43 -5.42 27.16
N ARG C 117 6.46 -6.06 28.33
CA ARG C 117 6.91 -7.45 28.41
C ARG C 117 5.98 -8.37 27.63
N TRP C 118 4.66 -8.10 27.69
CA TRP C 118 3.71 -8.90 26.94
C TRP C 118 3.99 -8.83 25.44
N ILE C 119 4.09 -7.61 24.90
CA ILE C 119 4.35 -7.45 23.48
C ILE C 119 5.76 -7.94 23.11
N GLN C 120 6.70 -7.87 24.07
CA GLN C 120 8.02 -8.42 23.83
C GLN C 120 7.97 -9.93 23.63
N ILE C 121 7.21 -10.63 24.48
CA ILE C 121 7.03 -12.07 24.31
C ILE C 121 6.33 -12.37 22.98
N GLY C 122 5.33 -11.55 22.63
CA GLY C 122 4.66 -11.74 21.35
C GLY C 122 5.60 -11.59 20.17
N LEU C 123 6.45 -10.55 20.19
CA LEU C 123 7.42 -10.35 19.12
C LEU C 123 8.46 -11.46 19.09
N GLN C 124 8.86 -11.95 20.26
CA GLN C 124 9.72 -13.12 20.33
C GLN C 124 9.10 -14.30 19.60
N LYS C 125 7.83 -14.60 19.89
CA LYS C 125 7.17 -15.71 19.22
C LYS C 125 7.08 -15.47 17.73
N CYS C 126 6.76 -14.24 17.33
CA CYS C 126 6.67 -13.91 15.91
C CYS C 126 8.01 -14.17 15.21
N VAL C 127 9.11 -13.71 15.81
CA VAL C 127 10.42 -13.93 15.23
C VAL C 127 10.72 -15.42 15.15
N ARG C 128 10.38 -16.17 16.19
CA ARG C 128 10.65 -17.60 16.19
C ARG C 128 9.84 -18.34 15.14
N MET C 129 8.69 -17.80 14.73
CA MET C 129 7.88 -18.45 13.71
C MET C 129 7.96 -17.81 12.33
N TYR C 130 8.43 -16.57 12.22
CA TYR C 130 8.32 -15.84 10.96
C TYR C 130 9.27 -16.40 9.92
N ASN C 131 8.73 -16.71 8.74
CA ASN C 131 9.53 -17.19 7.63
C ASN C 131 10.37 -16.06 7.04
N PRO C 132 11.48 -16.39 6.35
CA PRO C 132 12.37 -15.34 5.85
C PRO C 132 11.67 -14.29 4.98
N THR C 133 11.03 -14.72 3.90
CA THR C 133 10.36 -13.80 2.99
C THR C 133 9.35 -14.58 2.17
N ASN C 134 8.75 -13.92 1.19
CA ASN C 134 7.82 -14.57 0.27
C ASN C 134 8.03 -14.23 -1.20
N ILE C 135 8.62 -13.08 -1.52
CA ILE C 135 8.73 -12.68 -2.92
C ILE C 135 9.67 -13.60 -3.69
N LEU C 136 10.80 -13.98 -3.08
CA LEU C 136 11.68 -14.96 -3.72
C LEU C 136 11.19 -16.38 -3.52
N ASP C 137 10.32 -16.62 -2.55
CA ASP C 137 9.80 -17.96 -2.31
C ASP C 137 8.60 -18.29 -3.17
N ILE C 138 8.10 -17.35 -3.98
CA ILE C 138 7.03 -17.66 -4.92
C ILE C 138 7.64 -18.47 -6.05
N LYS C 139 7.39 -19.78 -6.03
CA LYS C 139 7.93 -20.69 -7.03
C LYS C 139 6.78 -21.49 -7.62
N GLN C 140 6.71 -21.55 -8.95
CA GLN C 140 5.64 -22.28 -9.60
C GLN C 140 5.76 -23.77 -9.30
N GLY C 141 4.61 -24.41 -9.11
CA GLY C 141 4.56 -25.84 -8.94
C GLY C 141 4.43 -26.56 -10.27
N PRO C 142 4.89 -27.81 -10.33
CA PRO C 142 4.76 -28.57 -11.58
C PRO C 142 3.32 -28.76 -12.02
N LYS C 143 2.39 -28.91 -11.06
CA LYS C 143 0.98 -29.02 -11.38
C LYS C 143 0.23 -27.69 -11.29
N GLU C 144 0.84 -26.69 -10.67
CA GLU C 144 0.17 -25.41 -10.48
C GLU C 144 -0.07 -24.73 -11.81
N PRO C 145 -1.29 -24.28 -12.09
CA PRO C 145 -1.53 -23.51 -13.32
C PRO C 145 -0.69 -22.23 -13.31
N PHE C 146 -0.20 -21.86 -14.49
CA PHE C 146 0.68 -20.71 -14.59
C PHE C 146 -0.04 -19.41 -14.26
N GLN C 147 -1.33 -19.31 -14.59
CA GLN C 147 -2.07 -18.08 -14.29
C GLN C 147 -2.17 -17.85 -12.79
N SER C 148 -2.41 -18.91 -12.01
CA SER C 148 -2.47 -18.76 -10.56
C SER C 148 -1.11 -18.37 -9.99
N TYR C 149 -0.03 -18.94 -10.54
CA TYR C 149 1.31 -18.55 -10.11
C TYR C 149 1.57 -17.08 -10.39
N VAL C 150 1.18 -16.61 -11.57
CA VAL C 150 1.34 -15.20 -11.91
C VAL C 150 0.53 -14.33 -10.97
N ASP C 151 -0.70 -14.74 -10.67
CA ASP C 151 -1.56 -13.95 -9.79
C ASP C 151 -0.96 -13.84 -8.40
N ARG C 152 -0.48 -14.96 -7.85
CA ARG C 152 0.08 -14.91 -6.50
C ARG C 152 1.41 -14.17 -6.47
N PHE C 153 2.21 -14.26 -7.55
CA PHE C 153 3.42 -13.46 -7.62
C PHE C 153 3.10 -11.98 -7.67
N TYR C 154 2.06 -11.61 -8.42
CA TYR C 154 1.63 -10.22 -8.46
C TYR C 154 1.16 -9.73 -7.10
N LYS C 155 0.41 -10.57 -6.39
CA LYS C 155 -0.03 -10.20 -5.04
C LYS C 155 1.18 -10.03 -4.10
N SER C 156 2.14 -10.96 -4.20
CA SER C 156 3.32 -10.88 -3.35
C SER C 156 4.12 -9.61 -3.61
N LEU C 157 4.30 -9.26 -4.89
CA LEU C 157 5.04 -8.05 -5.21
C LEU C 157 4.26 -6.80 -4.83
N ARG C 158 2.93 -6.83 -4.96
CA ARG C 158 2.12 -5.68 -4.59
C ARG C 158 2.10 -5.48 -3.08
N ALA C 159 2.23 -6.55 -2.30
CA ALA C 159 2.28 -6.41 -0.85
C ALA C 159 3.50 -5.61 -0.40
N GLU C 160 4.59 -5.68 -1.16
CA GLU C 160 5.81 -4.94 -0.88
C GLU C 160 6.31 -4.25 -2.14
N GLN C 161 5.42 -3.53 -2.81
CA GLN C 161 5.78 -2.87 -4.07
C GLN C 161 6.85 -1.82 -3.83
N THR C 162 7.73 -1.68 -4.84
CA THR C 162 8.91 -0.83 -4.73
C THR C 162 8.84 0.39 -5.64
N ASP C 163 8.67 0.18 -6.94
CA ASP C 163 8.62 1.27 -7.90
C ASP C 163 7.92 0.76 -9.14
N PRO C 164 7.11 1.59 -9.81
CA PRO C 164 6.44 1.11 -11.03
C PRO C 164 7.40 0.59 -12.08
N ALA C 165 8.56 1.23 -12.23
CA ALA C 165 9.55 0.74 -13.20
C ALA C 165 10.23 -0.53 -12.71
N VAL C 166 10.49 -0.63 -11.40
CA VAL C 166 11.17 -1.81 -10.87
C VAL C 166 10.29 -3.04 -10.99
N LYS C 167 9.00 -2.90 -10.68
CA LYS C 167 8.10 -4.05 -10.75
C LYS C 167 7.89 -4.54 -12.18
N ASN C 168 8.01 -3.66 -13.18
CA ASN C 168 7.98 -4.12 -14.56
C ASN C 168 9.12 -5.09 -14.83
N TRP C 169 10.33 -4.74 -14.40
CA TRP C 169 11.48 -5.62 -14.50
C TRP C 169 11.33 -6.88 -13.66
N MET C 170 10.71 -6.77 -12.48
CA MET C 170 10.38 -7.94 -11.66
C MET C 170 9.52 -8.92 -12.45
N THR C 171 8.42 -8.46 -13.02
CA THR C 171 7.57 -9.32 -13.83
C THR C 171 8.28 -9.82 -15.08
N GLN C 172 9.17 -9.02 -15.65
CA GLN C 172 9.93 -9.42 -16.82
C GLN C 172 10.88 -10.57 -16.54
N THR C 173 11.55 -10.58 -15.38
CA THR C 173 12.62 -11.54 -15.12
C THR C 173 12.24 -12.60 -14.10
N LEU C 174 11.80 -12.22 -12.90
CA LEU C 174 11.55 -13.20 -11.85
C LEU C 174 10.42 -14.15 -12.19
N LEU C 175 9.44 -13.71 -12.99
CA LEU C 175 8.34 -14.60 -13.35
C LEU C 175 8.83 -15.80 -14.15
N VAL C 176 9.72 -15.58 -15.10
CA VAL C 176 10.29 -16.70 -15.86
C VAL C 176 11.39 -17.40 -15.06
N GLN C 177 12.05 -16.69 -14.13
CA GLN C 177 13.08 -17.33 -13.31
C GLN C 177 12.50 -18.41 -12.42
N ASN C 178 11.35 -18.15 -11.82
CA ASN C 178 10.69 -19.10 -10.94
C ASN C 178 9.69 -19.99 -11.66
N ALA C 179 9.59 -19.88 -12.99
CA ALA C 179 8.65 -20.67 -13.75
C ALA C 179 9.18 -22.07 -13.99
N ASN C 180 8.28 -23.05 -13.96
CA ASN C 180 8.65 -24.42 -14.25
C ASN C 180 9.03 -24.59 -15.73
N PRO C 181 9.88 -25.57 -16.05
CA PRO C 181 10.48 -25.60 -17.39
C PRO C 181 9.49 -25.67 -18.54
N ASP C 182 8.37 -26.40 -18.37
CA ASP C 182 7.41 -26.51 -19.47
C ASP C 182 6.81 -25.15 -19.82
N CYS C 183 6.48 -24.35 -18.81
CA CYS C 183 6.07 -22.97 -19.06
C CYS C 183 7.27 -22.09 -19.44
N LYS C 184 8.43 -22.39 -18.87
CA LYS C 184 9.61 -21.56 -19.10
C LYS C 184 10.02 -21.57 -20.57
N LEU C 185 9.88 -22.70 -21.25
CA LEU C 185 10.31 -22.77 -22.64
C LEU C 185 9.41 -21.92 -23.54
N VAL C 186 8.10 -21.96 -23.33
CA VAL C 186 7.23 -21.10 -24.13
C VAL C 186 7.41 -19.64 -23.72
N LEU C 187 7.77 -19.37 -22.46
CA LEU C 187 8.06 -18.01 -22.06
C LEU C 187 9.28 -17.46 -22.79
N LYS C 188 10.35 -18.27 -22.89
CA LYS C 188 11.55 -17.81 -23.56
C LYS C 188 11.48 -17.94 -25.08
N GLY C 189 10.45 -18.60 -25.60
CA GLY C 189 10.36 -18.80 -27.04
C GLY C 189 9.98 -17.58 -27.85
N LEU C 190 9.56 -16.49 -27.20
CA LEU C 190 9.16 -15.30 -27.93
C LEU C 190 10.31 -14.30 -28.06
N GLY C 191 10.82 -13.81 -26.93
CA GLY C 191 11.94 -12.89 -26.99
C GLY C 191 11.95 -11.78 -25.95
N MET C 192 12.39 -10.60 -26.38
CA MET C 192 12.68 -9.50 -25.48
C MET C 192 11.43 -8.68 -25.14
N ASN C 193 11.39 -8.18 -23.91
CA ASN C 193 10.31 -7.39 -23.32
C ASN C 193 8.94 -8.00 -23.57
N PRO C 194 8.61 -9.12 -22.94
CA PRO C 194 7.24 -9.64 -23.02
C PRO C 194 6.27 -8.74 -22.27
N THR C 195 5.00 -8.79 -22.69
CA THR C 195 3.93 -8.10 -22.01
C THR C 195 2.90 -9.12 -21.53
N LEU C 196 2.14 -8.74 -20.50
CA LEU C 196 1.38 -9.70 -19.72
C LEU C 196 0.34 -10.44 -20.56
N GLU C 197 -0.40 -9.71 -21.40
CA GLU C 197 -1.51 -10.32 -22.12
C GLU C 197 -1.02 -11.37 -23.12
N GLU C 198 0.02 -11.04 -23.89
CA GLU C 198 0.48 -11.97 -24.92
C GLU C 198 1.18 -13.18 -24.30
N MET C 199 1.95 -12.98 -23.23
CA MET C 199 2.59 -14.11 -22.58
C MET C 199 1.55 -15.01 -21.93
N LEU C 200 0.49 -14.42 -21.36
CA LEU C 200 -0.58 -15.21 -20.79
C LEU C 200 -1.29 -16.03 -21.86
N THR C 201 -1.61 -15.41 -23.00
CA THR C 201 -2.33 -16.13 -24.05
C THR C 201 -1.44 -17.12 -24.78
N ALA C 202 -0.11 -16.97 -24.69
CA ALA C 202 0.79 -17.92 -25.31
C ALA C 202 1.07 -19.11 -24.40
N CYS C 203 1.18 -18.86 -23.09
CA CYS C 203 1.45 -19.92 -22.13
C CYS C 203 0.19 -20.67 -21.72
N GLN C 204 -0.98 -20.23 -22.17
CA GLN C 204 -2.23 -20.88 -21.75
C GLN C 204 -2.49 -22.13 -22.59
N GLY C 205 -1.47 -22.97 -22.73
CA GLY C 205 -1.67 -24.30 -23.29
C GLY C 205 -0.78 -25.31 -22.60
N VAL C 206 0.04 -24.85 -21.67
CA VAL C 206 1.01 -25.73 -21.02
C VAL C 206 0.29 -26.70 -20.11
N GLY C 207 0.56 -27.99 -20.30
CA GLY C 207 -0.18 -29.03 -19.62
C GLY C 207 -1.47 -29.43 -20.30
N GLY C 208 -1.94 -28.65 -21.27
CA GLY C 208 -3.14 -28.97 -21.99
C GLY C 208 -2.91 -30.08 -22.99
N PRO C 209 -4.01 -30.63 -23.51
CA PRO C 209 -3.90 -31.79 -24.40
C PRO C 209 -3.02 -31.55 -25.61
N GLY C 210 -3.06 -30.35 -26.19
CA GLY C 210 -2.20 -30.06 -27.33
C GLY C 210 -0.73 -30.15 -26.98
N GLN C 211 -0.34 -29.54 -25.86
CA GLN C 211 1.06 -29.61 -25.44
C GLN C 211 1.43 -31.00 -24.95
N LYS C 212 0.51 -31.71 -24.30
CA LYS C 212 0.76 -33.11 -23.95
C LYS C 212 1.12 -33.91 -25.19
N ALA C 213 0.28 -33.81 -26.23
CA ALA C 213 0.53 -34.54 -27.47
C ALA C 213 1.83 -34.10 -28.11
N ARG C 214 2.10 -32.80 -28.12
CA ARG C 214 3.33 -32.30 -28.72
C ARG C 214 4.57 -32.85 -28.01
N LEU C 215 4.56 -32.83 -26.68
CA LEU C 215 5.73 -33.28 -25.94
C LEU C 215 5.93 -34.78 -26.07
N MET C 216 4.84 -35.56 -26.00
CA MET C 216 5.01 -37.00 -26.18
C MET C 216 5.44 -37.32 -27.60
N ALA C 217 4.93 -36.59 -28.60
CA ALA C 217 5.32 -36.81 -29.98
C ALA C 217 6.80 -36.53 -30.18
N GLU C 218 7.29 -35.39 -29.68
CA GLU C 218 8.71 -35.09 -29.84
C GLU C 218 9.57 -36.08 -29.07
N ALA C 219 9.14 -36.49 -27.87
CA ALA C 219 9.91 -37.46 -27.10
C ALA C 219 10.03 -38.77 -27.88
N LEU C 220 8.93 -39.23 -28.46
CA LEU C 220 9.00 -40.41 -29.32
C LEU C 220 9.88 -40.15 -30.55
N LYS C 221 9.94 -38.89 -31.01
CA LYS C 221 10.77 -38.57 -32.15
C LYS C 221 12.25 -38.80 -31.84
N GLU C 222 12.71 -38.34 -30.66
CA GLU C 222 14.10 -38.71 -30.37
C GLU C 222 14.23 -40.16 -29.91
N VAL C 223 13.15 -40.79 -29.46
CA VAL C 223 13.21 -42.22 -29.16
C VAL C 223 13.36 -43.03 -30.45
N ILE C 224 12.57 -42.71 -31.46
CA ILE C 224 12.62 -43.44 -32.72
C ILE C 224 13.86 -43.06 -33.51
#